data_5N8C
#
_entry.id   5N8C
#
_cell.length_a   35.440
_cell.length_b   95.310
_cell.length_c   89.720
_cell.angle_alpha   90.000
_cell.angle_beta   96.340
_cell.angle_gamma   90.000
#
_symmetry.space_group_name_H-M   'P 1 21 1'
#
loop_
_entity.id
_entity.type
_entity.pdbx_description
1 polymer 'UDP-3-O-acyl-N-acetylglucosamine deacetylase'
2 non-polymer 'ZINC ION'
3 non-polymer (2~{S})-3-azanyl-2-[[(1~{R})-5-[2-[4-[[2-(hydroxymethyl)imidazol-1-yl]methyl]phenyl]ethynyl]-2,3-dihydro-1~{H}-inden-1-yl]amino]-3-methyl-~{N}-oxidanyl-butanamide
4 non-polymer 'CHLORIDE ION'
5 water water
#
_entity_poly.entity_id   1
_entity_poly.type   'polypeptide(L)'
_entity_poly.pdbx_seq_one_letter_code
;SMIKQRTLKNIIRATGVGLHSGEKVYLTLKPAPVDTGIVFSRTDLDPVVEIPARAENVGETTMSTTLVKGDVKVDTVEHL
LSAMAGLGIDNAYVELSASEVPIMDGSAGPFVFLIQSAGLQEQEAAKKFIRIKREVSVEEGDKRAVFVPFDGFKVSFEID
FDHPVFRGRTQQASVDFSSTSFVKEVSRARTFGFMRDIEYLRSQNLALGGSVENAIVVDENRVLNEDGLRYEDEFVKHKI
LDAIGDLYLLGNSLIGEFRGFKSGHALNNQLLRTLIADKDAWEVVTFEDARTAPISYMRPAAAV
;
_entity_poly.pdbx_strand_id   A,B
#
loop_
_chem_comp.id
_chem_comp.type
_chem_comp.name
_chem_comp.formula
8Q8 non-polymer (2~{S})-3-azanyl-2-[[(1~{R})-5-[2-[4-[[2-(hydroxymethyl)imidazol-1-yl]methyl]phenyl]ethynyl]-2,3-dihydro-1~{H}-inden-1-yl]amino]-3-methyl-~{N}-oxidanyl-butanamide 'C27 H31 N5 O3'
CL non-polymer 'CHLORIDE ION' 'Cl -1'
ZN non-polymer 'ZINC ION' 'Zn 2'
#
# COMPACT_ATOMS: atom_id res chain seq x y z
N SER A 1 9.11 -1.12 17.27
CA SER A 1 8.16 -0.54 18.28
C SER A 1 6.71 -0.78 17.86
N MET A 2 5.89 -0.94 18.86
CA MET A 2 4.49 -1.28 18.64
C MET A 2 3.73 -0.20 17.92
N ILE A 3 2.56 -0.57 17.45
CA ILE A 3 1.67 0.51 17.03
C ILE A 3 0.91 0.89 18.31
N LYS A 4 1.06 2.16 18.68
CA LYS A 4 0.48 2.66 19.92
C LYS A 4 -0.88 3.37 19.70
N GLN A 5 -1.64 3.38 20.76
CA GLN A 5 -2.86 4.20 20.82
C GLN A 5 -2.53 5.67 20.72
N ARG A 6 -3.49 6.43 20.19
CA ARG A 6 -3.34 7.84 20.02
C ARG A 6 -4.46 8.60 20.60
N THR A 7 -4.11 9.74 21.21
CA THR A 7 -5.09 10.74 21.64
C THR A 7 -4.61 12.13 21.12
N LEU A 8 -5.33 13.17 21.50
CA LEU A 8 -4.94 14.51 21.20
C LEU A 8 -3.88 14.99 22.20
N LYS A 9 -3.00 15.81 21.68
CA LYS A 9 -2.00 16.46 22.41
C LYS A 9 -2.54 17.65 23.22
N ASN A 10 -3.48 18.44 22.67
CA ASN A 10 -4.07 19.60 23.35
C ASN A 10 -5.60 19.58 23.13
N ILE A 11 -6.27 20.44 23.85
CA ILE A 11 -7.69 20.73 23.67
C ILE A 11 -7.84 21.58 22.42
N ILE A 12 -8.86 21.34 21.63
CA ILE A 12 -9.13 22.35 20.56
C ILE A 12 -10.64 22.55 20.44
N ARG A 13 -10.99 23.72 19.96
CA ARG A 13 -12.38 24.17 19.91
C ARG A 13 -12.75 24.56 18.51
N ALA A 14 -13.98 24.22 18.12
CA ALA A 14 -14.56 24.72 16.88
C ALA A 14 -16.00 25.15 17.12
N THR A 15 -16.49 26.03 16.23
CA THR A 15 -17.88 26.47 16.25
CA THR A 15 -17.87 26.50 16.24
C THR A 15 -18.52 26.30 14.88
N GLY A 16 -19.82 26.01 14.88
CA GLY A 16 -20.55 25.86 13.66
C GLY A 16 -22.00 25.73 13.96
N VAL A 17 -22.72 25.21 12.99
CA VAL A 17 -24.15 25.04 13.07
CA VAL A 17 -24.17 25.07 13.01
C VAL A 17 -24.54 23.61 12.73
N GLY A 18 -25.51 23.10 13.45
CA GLY A 18 -26.08 21.79 13.22
C GLY A 18 -26.81 21.74 11.90
N LEU A 19 -26.44 20.81 11.06
CA LEU A 19 -27.12 20.69 9.73
C LEU A 19 -28.65 20.57 9.91
N HIS A 20 -29.07 19.74 10.80
CA HIS A 20 -30.53 19.53 10.98
C HIS A 20 -31.16 20.54 11.87
N SER A 21 -30.51 20.90 12.96
CA SER A 21 -31.14 21.74 13.96
C SER A 21 -31.13 23.22 13.60
N GLY A 22 -30.10 23.64 12.86
CA GLY A 22 -29.78 25.03 12.55
C GLY A 22 -29.26 25.74 13.77
N GLU A 23 -28.91 25.03 14.81
CA GLU A 23 -28.49 25.67 16.06
C GLU A 23 -26.95 25.85 16.06
N LYS A 24 -26.50 26.99 16.50
CA LYS A 24 -25.09 27.20 16.75
C LYS A 24 -24.62 26.30 17.89
N VAL A 25 -23.43 25.71 17.69
CA VAL A 25 -22.87 24.72 18.63
C VAL A 25 -21.35 24.92 18.73
N TYR A 26 -20.85 24.77 19.93
CA TYR A 26 -19.42 24.74 20.21
C TYR A 26 -18.99 23.30 20.45
N LEU A 27 -17.93 22.91 19.76
CA LEU A 27 -17.35 21.61 19.89
C LEU A 27 -15.98 21.73 20.51
N THR A 28 -15.70 20.85 21.45
CA THR A 28 -14.41 20.83 22.17
C THR A 28 -13.88 19.42 22.16
N LEU A 29 -12.73 19.27 21.53
CA LEU A 29 -12.00 18.00 21.53
C LEU A 29 -10.95 18.01 22.65
N LYS A 30 -10.96 16.96 23.44
CA LYS A 30 -10.02 16.82 24.54
C LYS A 30 -9.33 15.44 24.51
N PRO A 31 -8.07 15.42 24.93
CA PRO A 31 -7.34 14.13 25.16
C PRO A 31 -8.09 13.27 26.12
N ALA A 32 -7.88 11.95 26.02
CA ALA A 32 -8.46 10.97 26.90
C ALA A 32 -7.47 9.82 27.18
N PRO A 33 -7.74 9.09 28.29
CA PRO A 33 -6.82 8.01 28.64
C PRO A 33 -6.97 6.83 27.73
N VAL A 34 -5.98 5.98 27.80
CA VAL A 34 -5.98 4.70 27.11
C VAL A 34 -7.32 3.93 27.32
N ASP A 35 -7.77 3.24 26.27
CA ASP A 35 -8.96 2.44 26.27
C ASP A 35 -10.25 3.20 26.58
N THR A 36 -10.25 4.50 26.35
CA THR A 36 -11.48 5.30 26.51
C THR A 36 -12.35 5.18 25.25
N GLY A 37 -11.74 5.14 24.05
CA GLY A 37 -12.47 5.30 22.80
C GLY A 37 -12.88 6.77 22.62
N ILE A 38 -13.79 7.02 21.69
CA ILE A 38 -14.29 8.38 21.40
C ILE A 38 -15.58 8.45 22.17
N VAL A 39 -15.70 9.45 23.02
CA VAL A 39 -16.86 9.58 23.85
C VAL A 39 -17.44 11.01 23.65
N PHE A 40 -18.74 11.09 23.35
CA PHE A 40 -19.41 12.36 23.17
C PHE A 40 -19.97 12.78 24.51
N SER A 41 -19.94 14.07 24.79
CA SER A 41 -20.68 14.52 25.94
C SER A 41 -21.37 15.86 25.74
N ARG A 42 -22.58 15.91 26.31
CA ARG A 42 -23.46 17.00 26.20
C ARG A 42 -23.19 17.84 27.45
N THR A 43 -22.31 18.81 27.34
CA THR A 43 -21.92 19.64 28.49
C THR A 43 -22.91 20.75 28.78
N ASP A 44 -23.93 20.91 27.93
CA ASP A 44 -25.01 21.83 28.21
C ASP A 44 -26.03 21.32 29.21
N LEU A 45 -26.04 20.02 29.48
CA LEU A 45 -27.06 19.39 30.27
C LEU A 45 -26.59 19.26 31.71
N ASP A 46 -27.52 19.14 32.65
CA ASP A 46 -27.15 18.92 34.04
C ASP A 46 -28.03 17.84 34.61
N PRO A 47 -27.52 16.63 34.90
CA PRO A 47 -26.13 16.22 34.74
C PRO A 47 -25.65 16.14 33.24
N VAL A 48 -24.34 16.31 33.05
CA VAL A 48 -23.65 16.12 31.78
C VAL A 48 -23.88 14.67 31.38
N VAL A 49 -24.21 14.45 30.10
CA VAL A 49 -24.52 13.13 29.56
C VAL A 49 -23.41 12.73 28.57
N GLU A 50 -22.78 11.58 28.84
CA GLU A 50 -21.72 10.98 28.00
C GLU A 50 -22.32 9.88 27.12
N ILE A 51 -21.95 9.82 25.85
CA ILE A 51 -22.46 8.74 24.96
C ILE A 51 -21.24 8.24 24.21
N PRO A 52 -20.74 7.04 24.57
CA PRO A 52 -19.63 6.43 23.81
C PRO A 52 -20.02 6.33 22.35
N ALA A 53 -19.07 6.55 21.46
CA ALA A 53 -19.36 6.51 20.01
C ALA A 53 -19.23 5.02 19.55
N ARG A 54 -20.25 4.22 19.86
CA ARG A 54 -20.27 2.80 19.61
C ARG A 54 -21.56 2.41 18.98
N ALA A 55 -21.52 1.32 18.22
CA ALA A 55 -22.67 0.86 17.46
C ALA A 55 -23.93 0.65 18.31
N GLU A 56 -23.74 0.20 19.55
CA GLU A 56 -24.81 -0.07 20.52
C GLU A 56 -25.60 1.18 20.86
N ASN A 57 -25.02 2.37 20.63
CA ASN A 57 -25.64 3.63 20.99
C ASN A 57 -26.28 4.38 19.82
N VAL A 58 -26.27 3.78 18.63
CA VAL A 58 -26.90 4.42 17.51
C VAL A 58 -28.43 4.39 17.64
N GLY A 59 -29.08 5.53 17.47
CA GLY A 59 -30.54 5.52 17.30
C GLY A 59 -30.88 5.60 15.83
N GLU A 60 -31.47 6.71 15.48
CA GLU A 60 -31.98 6.94 14.17
CA GLU A 60 -31.98 6.92 14.15
C GLU A 60 -30.82 7.01 13.14
N THR A 61 -31.06 6.42 11.96
CA THR A 61 -30.08 6.40 10.86
C THR A 61 -30.73 6.78 9.53
N THR A 62 -31.88 7.45 9.56
CA THR A 62 -32.66 7.66 8.32
C THR A 62 -32.04 8.77 7.46
N MET A 63 -31.51 9.79 8.10
CA MET A 63 -30.85 10.86 7.36
C MET A 63 -29.33 10.93 7.64
N SER A 64 -29.01 10.89 8.94
CA SER A 64 -27.63 10.93 9.44
C SER A 64 -27.46 9.92 10.58
N THR A 65 -26.27 9.76 11.11
CA THR A 65 -26.06 8.82 12.16
C THR A 65 -26.21 9.59 13.48
N THR A 66 -27.18 9.17 14.29
CA THR A 66 -27.43 9.74 15.62
C THR A 66 -27.03 8.79 16.73
N LEU A 67 -26.45 9.31 17.79
CA LEU A 67 -26.19 8.59 19.02
C LEU A 67 -27.29 8.95 20.03
N VAL A 68 -27.72 7.97 20.83
CA VAL A 68 -28.75 8.16 21.88
C VAL A 68 -28.44 7.47 23.18
N LYS A 69 -28.93 8.09 24.26
CA LYS A 69 -28.85 7.54 25.62
C LYS A 69 -30.08 8.07 26.34
N GLY A 70 -31.12 7.26 26.40
CA GLY A 70 -32.40 7.69 26.91
C GLY A 70 -33.06 8.68 26.01
N ASP A 71 -33.35 9.85 26.58
CA ASP A 71 -33.93 10.96 25.84
C ASP A 71 -32.90 11.97 25.32
N VAL A 72 -31.59 11.72 25.48
CA VAL A 72 -30.53 12.68 25.06
C VAL A 72 -29.95 12.13 23.76
N LYS A 73 -29.75 13.02 22.79
CA LYS A 73 -29.17 12.62 21.52
C LYS A 73 -27.97 13.46 21.19
N VAL A 74 -27.15 12.93 20.31
CA VAL A 74 -26.11 13.68 19.62
C VAL A 74 -26.34 13.36 18.18
N ASP A 75 -26.71 14.33 17.37
CA ASP A 75 -26.96 14.13 15.96
C ASP A 75 -25.72 14.33 15.06
N THR A 76 -25.74 13.63 13.93
CA THR A 76 -24.80 13.88 12.80
C THR A 76 -23.35 13.66 13.18
N VAL A 77 -23.02 12.45 13.67
CA VAL A 77 -21.66 12.16 14.16
C VAL A 77 -20.66 11.76 13.09
N GLU A 78 -21.20 11.38 11.93
CA GLU A 78 -20.44 10.60 10.98
C GLU A 78 -19.27 11.33 10.39
N HIS A 79 -19.39 12.62 10.11
CA HIS A 79 -18.22 13.27 9.44
C HIS A 79 -17.09 13.52 10.46
N LEU A 80 -17.42 13.89 11.69
CA LEU A 80 -16.39 13.98 12.73
C LEU A 80 -15.71 12.60 12.98
N LEU A 81 -16.53 11.55 13.11
CA LEU A 81 -16.01 10.20 13.25
C LEU A 81 -15.12 9.78 12.08
N SER A 82 -15.44 10.20 10.87
CA SER A 82 -14.64 9.88 9.72
CA SER A 82 -14.63 9.87 9.73
C SER A 82 -13.26 10.49 9.89
N ALA A 83 -13.19 11.74 10.36
CA ALA A 83 -11.91 12.43 10.61
C ALA A 83 -11.09 11.76 11.69
N MET A 84 -11.73 11.34 12.79
CA MET A 84 -11.03 10.57 13.86
CA MET A 84 -11.04 10.62 13.89
C MET A 84 -10.47 9.28 13.36
N ALA A 85 -11.28 8.52 12.64
CA ALA A 85 -10.79 7.32 11.97
C ALA A 85 -9.66 7.55 10.97
N GLY A 86 -9.84 8.55 10.09
CA GLY A 86 -8.83 8.81 9.12
C GLY A 86 -7.49 9.23 9.70
N LEU A 87 -7.47 9.90 10.85
CA LEU A 87 -6.23 10.23 11.55
C LEU A 87 -5.78 9.21 12.60
N GLY A 88 -6.50 8.11 12.77
CA GLY A 88 -6.25 7.11 13.77
C GLY A 88 -6.30 7.56 15.24
N ILE A 89 -7.27 8.39 15.59
CA ILE A 89 -7.47 8.77 16.97
C ILE A 89 -8.27 7.69 17.69
N ASP A 90 -7.64 7.04 18.66
CA ASP A 90 -8.25 6.02 19.50
C ASP A 90 -9.09 6.62 20.58
N ASN A 91 -8.55 7.62 21.28
CA ASN A 91 -9.13 8.08 22.54
C ASN A 91 -9.34 9.62 22.55
N ALA A 92 -10.58 10.03 22.79
CA ALA A 92 -10.95 11.48 22.84
C ALA A 92 -12.30 11.71 23.46
N TYR A 93 -12.40 12.86 24.17
CA TYR A 93 -13.73 13.40 24.57
C TYR A 93 -14.13 14.44 23.58
N VAL A 94 -15.38 14.33 23.10
CA VAL A 94 -15.95 15.29 22.15
C VAL A 94 -17.10 15.99 22.92
N GLU A 95 -16.82 17.20 23.38
CA GLU A 95 -17.86 17.93 24.10
C GLU A 95 -18.66 18.79 23.12
N LEU A 96 -19.97 18.81 23.28
CA LEU A 96 -20.88 19.59 22.47
C LEU A 96 -21.78 20.40 23.40
N SER A 97 -22.06 21.61 22.97
CA SER A 97 -22.89 22.57 23.74
C SER A 97 -24.38 22.48 23.38
N ALA A 98 -24.69 21.57 22.41
CA ALA A 98 -25.99 21.35 21.86
C ALA A 98 -26.03 19.96 21.22
N SER A 99 -27.21 19.59 20.77
CA SER A 99 -27.53 18.21 20.35
C SER A 99 -27.01 17.75 18.99
N GLU A 100 -26.16 18.53 18.33
CA GLU A 100 -25.69 18.19 17.00
C GLU A 100 -24.26 18.63 16.80
N VAL A 101 -23.50 17.76 16.19
CA VAL A 101 -22.18 18.08 15.71
C VAL A 101 -22.24 19.17 14.61
N PRO A 102 -21.44 20.23 14.72
CA PRO A 102 -21.50 21.27 13.66
C PRO A 102 -21.15 20.70 12.27
N ILE A 103 -21.90 21.12 11.28
CA ILE A 103 -21.68 20.66 9.89
C ILE A 103 -20.40 21.19 9.22
N MET A 104 -19.92 22.33 9.66
CA MET A 104 -18.76 23.00 9.11
C MET A 104 -18.98 23.25 7.60
N ASP A 105 -18.06 22.85 6.73
CA ASP A 105 -18.25 22.98 5.27
C ASP A 105 -18.90 21.77 4.58
N GLY A 106 -19.43 20.84 5.36
CA GLY A 106 -20.11 19.62 4.86
C GLY A 106 -19.17 18.40 4.68
N SER A 107 -17.86 18.59 4.94
CA SER A 107 -16.88 17.57 4.76
C SER A 107 -16.20 17.29 6.08
N ALA A 108 -15.14 16.48 6.00
CA ALA A 108 -14.33 16.22 7.16
C ALA A 108 -13.03 17.07 7.18
N GLY A 109 -12.88 17.98 6.23
CA GLY A 109 -11.67 18.83 6.15
C GLY A 109 -11.45 19.69 7.33
N PRO A 110 -12.48 20.42 7.77
CA PRO A 110 -12.24 21.26 8.96
C PRO A 110 -11.91 20.45 10.19
N PHE A 111 -12.49 19.27 10.33
CA PHE A 111 -12.13 18.45 11.51
C PHE A 111 -10.71 17.88 11.47
N VAL A 112 -10.26 17.45 10.31
CA VAL A 112 -8.94 16.89 10.13
CA VAL A 112 -8.90 16.89 10.20
C VAL A 112 -7.90 18.02 10.42
N PHE A 113 -8.22 19.25 9.98
CA PHE A 113 -7.37 20.37 10.27
C PHE A 113 -7.30 20.68 11.78
N LEU A 114 -8.45 20.73 12.41
CA LEU A 114 -8.53 21.01 13.83
C LEU A 114 -7.79 20.03 14.65
N ILE A 115 -7.93 18.74 14.35
CA ILE A 115 -7.29 17.70 15.10
C ILE A 115 -5.76 17.83 14.96
N GLN A 116 -5.30 17.96 13.73
CA GLN A 116 -3.87 18.06 13.50
C GLN A 116 -3.25 19.36 13.99
N SER A 117 -4.04 20.41 14.08
CA SER A 117 -3.60 21.62 14.76
C SER A 117 -3.37 21.34 16.26
N ALA A 118 -4.27 20.60 16.91
CA ALA A 118 -4.06 20.21 18.30
C ALA A 118 -2.83 19.30 18.44
N GLY A 119 -2.58 18.50 17.41
CA GLY A 119 -1.48 17.52 17.42
C GLY A 119 -1.88 16.24 18.13
N LEU A 120 -1.13 15.19 17.83
CA LEU A 120 -1.46 13.89 18.34
C LEU A 120 -0.42 13.45 19.38
N GLN A 121 -0.89 12.61 20.28
CA GLN A 121 -0.08 12.09 21.37
C GLN A 121 -0.15 10.58 21.33
N GLU A 122 0.98 9.93 21.08
CA GLU A 122 1.06 8.47 21.25
C GLU A 122 1.05 8.13 22.74
N GLN A 123 0.32 7.08 23.08
CA GLN A 123 0.09 6.66 24.45
C GLN A 123 0.77 5.29 24.63
N GLU A 124 1.09 4.95 25.87
CA GLU A 124 1.80 3.68 26.13
C GLU A 124 0.85 2.52 26.32
N ALA A 125 0.12 2.20 25.28
CA ALA A 125 -0.69 1.02 25.19
C ALA A 125 -0.78 0.63 23.72
N ALA A 126 -0.79 -0.66 23.44
CA ALA A 126 -0.93 -1.16 22.07
C ALA A 126 -2.30 -0.79 21.52
N LYS A 127 -2.28 -0.21 20.32
CA LYS A 127 -3.49 0.00 19.53
C LYS A 127 -4.12 -1.36 19.14
N LYS A 128 -5.41 -1.49 19.40
CA LYS A 128 -6.20 -2.65 19.01
C LYS A 128 -6.90 -2.41 17.70
N PHE A 129 -6.82 -3.38 16.80
CA PHE A 129 -7.49 -3.40 15.52
C PHE A 129 -8.53 -4.50 15.50
N ILE A 130 -9.63 -4.31 14.75
CA ILE A 130 -10.57 -5.36 14.50
CA ILE A 130 -10.56 -5.37 14.51
C ILE A 130 -10.24 -5.90 13.12
N ARG A 131 -9.86 -7.18 13.05
CA ARG A 131 -9.52 -7.80 11.77
CA ARG A 131 -9.52 -7.78 11.79
C ARG A 131 -10.66 -8.66 11.27
N ILE A 132 -11.09 -8.40 10.04
CA ILE A 132 -12.11 -9.17 9.41
C ILE A 132 -11.54 -10.54 9.05
N LYS A 133 -12.15 -11.64 9.52
CA LYS A 133 -11.70 -13.00 9.25
C LYS A 133 -12.54 -13.72 8.26
N ARG A 134 -13.82 -13.37 8.16
CA ARG A 134 -14.79 -14.01 7.27
CA ARG A 134 -14.75 -14.02 7.24
C ARG A 134 -15.65 -12.94 6.66
N GLU A 135 -16.14 -13.20 5.48
CA GLU A 135 -16.99 -12.25 4.80
C GLU A 135 -18.30 -12.09 5.57
N VAL A 136 -18.72 -10.83 5.75
CA VAL A 136 -19.99 -10.49 6.33
C VAL A 136 -20.75 -9.49 5.47
N SER A 137 -22.01 -9.78 5.17
CA SER A 137 -22.74 -8.94 4.23
C SER A 137 -24.18 -8.76 4.68
N VAL A 138 -24.71 -7.57 4.42
CA VAL A 138 -26.07 -7.25 4.68
C VAL A 138 -26.64 -6.64 3.41
N GLU A 139 -27.88 -6.99 3.13
CA GLU A 139 -28.60 -6.46 2.00
C GLU A 139 -30.01 -6.11 2.34
N GLU A 140 -30.58 -5.14 1.62
CA GLU A 140 -31.98 -4.90 1.67
C GLU A 140 -32.39 -4.32 0.32
N GLY A 141 -33.20 -5.08 -0.42
CA GLY A 141 -33.64 -4.66 -1.77
C GLY A 141 -32.42 -4.64 -2.66
N ASP A 142 -32.18 -3.55 -3.40
CA ASP A 142 -30.95 -3.52 -4.18
C ASP A 142 -29.71 -2.88 -3.46
N LYS A 143 -29.80 -2.66 -2.16
CA LYS A 143 -28.72 -2.04 -1.39
C LYS A 143 -27.91 -3.11 -0.70
N ARG A 144 -26.59 -2.96 -0.67
CA ARG A 144 -25.71 -3.96 -0.10
CA ARG A 144 -25.74 -3.94 -0.02
C ARG A 144 -24.55 -3.28 0.59
N ALA A 145 -24.17 -3.77 1.76
CA ALA A 145 -22.94 -3.41 2.46
C ALA A 145 -22.16 -4.68 2.88
N VAL A 146 -20.85 -4.74 2.61
CA VAL A 146 -20.08 -5.97 2.82
C VAL A 146 -18.73 -5.66 3.46
N PHE A 147 -18.31 -6.48 4.39
CA PHE A 147 -16.91 -6.62 4.82
C PHE A 147 -16.29 -7.90 4.25
N VAL A 148 -15.09 -7.77 3.68
CA VAL A 148 -14.33 -8.87 3.13
C VAL A 148 -12.98 -8.88 3.84
N PRO A 149 -12.43 -10.09 4.17
CA PRO A 149 -11.09 -10.13 4.66
C PRO A 149 -10.08 -9.51 3.70
N PHE A 150 -9.17 -8.73 4.26
CA PHE A 150 -8.17 -8.04 3.49
C PHE A 150 -7.07 -7.53 4.41
N ASP A 151 -5.81 -7.81 4.05
CA ASP A 151 -4.67 -7.33 4.85
C ASP A 151 -4.32 -5.88 4.43
N GLY A 152 -5.11 -4.98 4.98
CA GLY A 152 -4.99 -3.58 4.72
C GLY A 152 -6.30 -2.93 5.18
N PHE A 153 -6.57 -1.76 4.63
CA PHE A 153 -7.86 -1.05 4.80
C PHE A 153 -8.21 -0.41 3.46
N LYS A 154 -9.35 -0.79 2.90
CA LYS A 154 -9.75 -0.37 1.60
C LYS A 154 -11.26 -0.21 1.65
N VAL A 155 -11.79 0.80 1.00
CA VAL A 155 -13.26 1.08 0.98
C VAL A 155 -13.65 1.38 -0.45
N SER A 156 -14.66 0.68 -0.97
CA SER A 156 -15.15 0.83 -2.32
C SER A 156 -16.62 1.16 -2.20
N PHE A 157 -17.10 2.02 -3.10
CA PHE A 157 -18.48 2.39 -3.06
C PHE A 157 -19.04 2.53 -4.46
N GLU A 158 -20.31 2.21 -4.64
CA GLU A 158 -20.97 2.46 -5.89
C GLU A 158 -22.33 3.07 -5.63
N ILE A 159 -22.61 4.16 -6.34
CA ILE A 159 -23.94 4.80 -6.26
C ILE A 159 -24.61 4.62 -7.56
N ASP A 160 -25.92 4.83 -7.61
CA ASP A 160 -26.63 4.68 -8.87
C ASP A 160 -27.74 5.65 -8.88
N PHE A 161 -27.49 6.89 -9.26
CA PHE A 161 -28.55 7.85 -9.39
C PHE A 161 -28.91 7.96 -10.85
N ASP A 162 -30.18 7.67 -11.14
CA ASP A 162 -30.77 7.82 -12.45
C ASP A 162 -31.16 9.28 -12.54
N HIS A 163 -30.19 10.10 -12.91
CA HIS A 163 -30.32 11.55 -12.77
C HIS A 163 -29.35 12.27 -13.68
N PRO A 164 -29.78 13.37 -14.35
CA PRO A 164 -28.90 14.04 -15.34
C PRO A 164 -27.51 14.42 -14.88
N VAL A 165 -27.36 14.80 -13.61
CA VAL A 165 -26.05 15.16 -13.06
C VAL A 165 -25.08 13.94 -12.88
N PHE A 166 -25.63 12.73 -12.92
CA PHE A 166 -24.86 11.49 -12.60
C PHE A 166 -24.70 10.52 -13.75
N ARG A 167 -25.62 10.54 -14.73
CA ARG A 167 -25.45 9.71 -15.95
C ARG A 167 -24.04 9.87 -16.50
N GLY A 168 -23.49 8.77 -17.01
CA GLY A 168 -22.17 8.83 -17.66
C GLY A 168 -20.97 9.11 -16.77
N ARG A 169 -21.21 9.47 -15.50
CA ARG A 169 -20.19 9.26 -14.45
C ARG A 169 -20.13 7.76 -14.19
N THR A 170 -18.93 7.27 -13.85
CA THR A 170 -18.77 5.87 -13.41
C THR A 170 -19.59 5.61 -12.15
N GLN A 171 -19.69 6.63 -11.27
CA GLN A 171 -20.43 6.52 -10.00
C GLN A 171 -19.82 5.48 -9.01
N GLN A 172 -18.53 5.20 -9.15
CA GLN A 172 -17.86 4.15 -8.41
C GLN A 172 -16.50 4.71 -8.06
N ALA A 173 -16.03 4.37 -6.86
CA ALA A 173 -14.65 4.68 -6.53
C ALA A 173 -14.13 3.67 -5.50
N SER A 174 -12.80 3.49 -5.43
CA SER A 174 -12.15 2.62 -4.50
C SER A 174 -10.97 3.36 -3.95
N VAL A 175 -10.79 3.35 -2.63
CA VAL A 175 -9.63 3.93 -2.00
C VAL A 175 -8.94 2.87 -1.19
N ASP A 176 -7.65 2.72 -1.39
CA ASP A 176 -6.84 1.79 -0.63
C ASP A 176 -5.89 2.65 0.15
N PHE A 177 -5.97 2.58 1.47
CA PHE A 177 -5.19 3.46 2.32
C PHE A 177 -3.74 3.03 2.51
N SER A 178 -3.31 1.93 1.88
CA SER A 178 -1.86 1.64 1.81
C SER A 178 -1.10 2.73 0.99
N SER A 179 -1.70 3.24 -0.07
CA SER A 179 -1.09 4.20 -1.02
C SER A 179 -1.67 5.60 -1.01
N THR A 180 -2.83 5.78 -0.40
CA THR A 180 -3.67 6.93 -0.68
C THR A 180 -4.03 7.57 0.67
N SER A 181 -4.04 8.88 0.68
CA SER A 181 -4.20 9.67 1.89
C SER A 181 -5.71 9.98 2.11
N PHE A 182 -6.24 9.64 3.28
CA PHE A 182 -7.59 10.02 3.69
C PHE A 182 -7.72 11.54 3.64
N VAL A 183 -6.73 12.25 4.15
CA VAL A 183 -6.79 13.71 4.14
C VAL A 183 -6.89 14.29 2.72
N LYS A 184 -6.00 13.88 1.81
CA LYS A 184 -5.92 14.55 0.50
C LYS A 184 -7.08 14.12 -0.43
N GLU A 185 -7.42 12.86 -0.40
CA GLU A 185 -8.37 12.27 -1.34
C GLU A 185 -9.78 12.00 -0.89
N VAL A 186 -10.05 11.98 0.42
CA VAL A 186 -11.44 11.72 0.92
C VAL A 186 -11.95 12.93 1.72
N SER A 187 -11.13 13.52 2.57
CA SER A 187 -11.60 14.42 3.68
C SER A 187 -12.39 15.63 3.26
N ARG A 188 -12.08 16.16 2.08
CA ARG A 188 -12.69 17.35 1.57
C ARG A 188 -14.05 17.11 0.86
N ALA A 189 -14.55 15.88 0.76
CA ALA A 189 -15.68 15.57 -0.04
C ALA A 189 -16.90 15.96 0.79
N ARG A 190 -17.65 16.91 0.26
CA ARG A 190 -18.80 17.49 0.91
C ARG A 190 -20.04 16.66 0.78
N THR A 191 -20.89 16.76 1.79
CA THR A 191 -22.20 16.23 1.68
C THR A 191 -23.01 16.83 0.58
N PHE A 192 -24.07 16.11 0.22
CA PHE A 192 -24.85 16.49 -0.93
C PHE A 192 -26.30 16.09 -0.76
N GLY A 193 -27.15 16.82 -1.48
CA GLY A 193 -28.56 16.49 -1.48
C GLY A 193 -29.29 16.87 -2.77
N PHE A 194 -30.31 16.10 -3.10
CA PHE A 194 -31.15 16.43 -4.23
C PHE A 194 -32.28 17.34 -3.74
N MET A 195 -32.64 18.25 -4.60
CA MET A 195 -33.54 19.33 -4.24
C MET A 195 -34.88 18.80 -3.66
N ARG A 196 -35.47 17.82 -4.32
CA ARG A 196 -36.76 17.31 -3.80
C ARG A 196 -36.63 16.64 -2.43
N ASP A 197 -35.52 16.00 -2.16
CA ASP A 197 -35.29 15.41 -0.83
C ASP A 197 -35.07 16.52 0.22
N ILE A 198 -34.32 17.53 -0.15
CA ILE A 198 -34.08 18.70 0.73
C ILE A 198 -35.36 19.42 1.11
N GLU A 199 -36.15 19.71 0.10
CA GLU A 199 -37.41 20.33 0.34
C GLU A 199 -38.28 19.49 1.29
N TYR A 200 -38.29 18.16 1.07
CA TYR A 200 -39.04 17.27 1.98
C TYR A 200 -38.56 17.45 3.46
N LEU A 201 -37.25 17.41 3.67
CA LEU A 201 -36.72 17.65 5.03
C LEU A 201 -37.12 18.98 5.60
N ARG A 202 -36.97 20.03 4.82
CA ARG A 202 -37.36 21.36 5.27
C ARG A 202 -38.86 21.37 5.65
N SER A 203 -39.69 20.68 4.88
CA SER A 203 -41.13 20.61 5.19
C SER A 203 -41.37 19.96 6.56
N GLN A 204 -40.45 19.07 6.96
CA GLN A 204 -40.49 18.39 8.25
C GLN A 204 -39.70 19.09 9.33
N ASN A 205 -39.28 20.33 9.08
CA ASN A 205 -38.56 21.14 10.04
C ASN A 205 -37.18 20.54 10.34
N LEU A 206 -36.60 19.96 9.30
CA LEU A 206 -35.22 19.38 9.34
C LEU A 206 -34.35 20.07 8.31
N ALA A 207 -33.09 19.72 8.29
CA ALA A 207 -32.07 20.33 7.46
C ALA A 207 -32.10 21.82 7.56
N LEU A 208 -32.38 22.32 8.76
CA LEU A 208 -32.54 23.78 8.97
C LEU A 208 -31.25 24.58 8.89
N GLY A 209 -30.09 23.94 9.11
CA GLY A 209 -28.78 24.58 8.93
C GLY A 209 -28.14 24.44 7.56
N GLY A 210 -28.77 23.70 6.68
CA GLY A 210 -28.19 23.35 5.38
C GLY A 210 -28.23 24.53 4.42
N SER A 211 -27.23 24.60 3.57
CA SER A 211 -27.16 25.62 2.51
C SER A 211 -26.03 25.26 1.50
N VAL A 212 -25.95 26.03 0.43
CA VAL A 212 -24.86 25.81 -0.49
C VAL A 212 -23.50 26.05 0.15
N GLU A 213 -23.43 26.68 1.33
CA GLU A 213 -22.18 26.89 2.05
CA GLU A 213 -22.17 26.87 2.05
C GLU A 213 -21.67 25.61 2.75
N ASN A 214 -22.55 24.62 2.96
CA ASN A 214 -22.16 23.36 3.60
C ASN A 214 -22.66 22.09 2.91
N ALA A 215 -23.15 22.21 1.69
CA ALA A 215 -23.63 21.04 0.97
C ALA A 215 -23.61 21.31 -0.49
N ILE A 216 -23.45 20.28 -1.29
CA ILE A 216 -23.66 20.34 -2.72
C ILE A 216 -25.15 20.13 -2.98
N VAL A 217 -25.78 21.14 -3.62
CA VAL A 217 -27.22 21.10 -3.84
C VAL A 217 -27.48 20.80 -5.31
N VAL A 218 -28.12 19.69 -5.60
CA VAL A 218 -28.32 19.33 -6.97
CA VAL A 218 -28.32 19.24 -6.94
C VAL A 218 -29.79 19.44 -7.29
N ASP A 219 -30.06 20.31 -8.26
CA ASP A 219 -31.37 20.52 -8.78
C ASP A 219 -31.60 19.41 -9.83
N GLU A 220 -32.73 19.47 -10.53
CA GLU A 220 -33.12 18.40 -11.45
C GLU A 220 -32.13 18.20 -12.62
N ASN A 221 -31.41 19.24 -12.98
CA ASN A 221 -30.46 19.20 -14.10
C ASN A 221 -28.98 19.50 -13.76
N ARG A 222 -28.71 20.12 -12.62
CA ARG A 222 -27.48 20.84 -12.37
C ARG A 222 -27.16 20.86 -10.89
N VAL A 223 -25.86 20.89 -10.59
CA VAL A 223 -25.31 21.41 -9.35
C VAL A 223 -25.63 22.90 -9.27
N LEU A 224 -26.14 23.34 -8.14
CA LEU A 224 -26.39 24.76 -7.95
C LEU A 224 -25.25 25.52 -7.41
N ASN A 225 -24.35 24.87 -6.68
CA ASN A 225 -23.14 25.55 -6.15
C ASN A 225 -22.37 26.18 -7.33
N GLU A 226 -22.24 27.50 -7.30
CA GLU A 226 -21.69 28.21 -8.48
C GLU A 226 -20.19 27.82 -8.70
N ASP A 227 -19.44 27.54 -7.65
CA ASP A 227 -17.99 27.30 -7.71
C ASP A 227 -17.56 25.83 -7.97
N GLY A 228 -18.51 24.94 -8.21
CA GLY A 228 -18.26 23.59 -8.70
C GLY A 228 -17.81 22.57 -7.62
N LEU A 229 -17.24 21.48 -8.08
CA LEU A 229 -16.85 20.34 -7.19
C LEU A 229 -15.40 20.35 -6.77
N ARG A 230 -15.14 19.81 -5.62
CA ARG A 230 -13.78 19.61 -5.12
C ARG A 230 -13.03 18.44 -5.71
N TYR A 231 -13.78 17.46 -6.22
CA TYR A 231 -13.25 16.26 -6.86
C TYR A 231 -14.24 15.95 -7.95
N GLU A 232 -13.79 15.38 -9.06
CA GLU A 232 -14.65 14.95 -10.18
CA GLU A 232 -14.69 15.04 -10.16
C GLU A 232 -15.74 14.01 -9.62
N ASP A 233 -15.32 13.20 -8.68
CA ASP A 233 -16.20 12.20 -8.07
C ASP A 233 -16.54 12.49 -6.59
N GLU A 234 -16.87 13.75 -6.29
CA GLU A 234 -17.07 14.19 -4.93
C GLU A 234 -18.24 13.42 -4.28
N PHE A 235 -19.25 13.06 -5.06
CA PHE A 235 -20.45 12.43 -4.47
C PHE A 235 -20.11 11.05 -3.88
N VAL A 236 -19.49 10.22 -4.70
CA VAL A 236 -19.09 8.89 -4.26
C VAL A 236 -17.98 8.97 -3.22
N LYS A 237 -17.05 9.92 -3.38
CA LYS A 237 -16.09 10.12 -2.26
C LYS A 237 -16.77 10.48 -0.97
N HIS A 238 -17.82 11.32 -0.98
CA HIS A 238 -18.54 11.58 0.33
C HIS A 238 -19.17 10.31 0.95
N LYS A 239 -19.67 9.43 0.09
CA LYS A 239 -20.22 8.16 0.56
C LYS A 239 -19.15 7.32 1.26
N ILE A 240 -17.94 7.32 0.70
CA ILE A 240 -16.80 6.64 1.33
C ILE A 240 -16.51 7.30 2.67
N LEU A 241 -16.46 8.63 2.67
CA LEU A 241 -16.22 9.38 3.91
C LEU A 241 -17.26 8.94 5.03
N ASP A 242 -18.53 8.98 4.68
CA ASP A 242 -19.59 8.52 5.61
C ASP A 242 -19.37 7.12 6.05
N ALA A 243 -19.11 6.21 5.14
CA ALA A 243 -18.81 4.80 5.53
C ALA A 243 -17.67 4.68 6.57
N ILE A 244 -16.58 5.39 6.32
CA ILE A 244 -15.42 5.40 7.24
C ILE A 244 -15.84 5.84 8.64
N GLY A 245 -16.61 6.95 8.73
CA GLY A 245 -17.15 7.44 9.95
C GLY A 245 -18.12 6.46 10.62
N ASP A 246 -19.03 5.88 9.86
CA ASP A 246 -20.01 4.94 10.41
C ASP A 246 -19.28 3.69 10.89
N LEU A 247 -18.28 3.25 10.11
CA LEU A 247 -17.48 2.10 10.50
C LEU A 247 -16.75 2.27 11.82
N TYR A 248 -16.41 3.50 12.15
CA TYR A 248 -15.64 3.76 13.35
C TYR A 248 -16.42 3.59 14.63
N LEU A 249 -17.75 3.44 14.54
CA LEU A 249 -18.57 3.02 15.65
C LEU A 249 -18.27 1.62 16.17
N LEU A 250 -17.44 0.87 15.44
CA LEU A 250 -16.93 -0.38 15.99
C LEU A 250 -16.02 -0.12 17.20
N GLY A 251 -15.42 1.08 17.28
CA GLY A 251 -14.56 1.50 18.38
C GLY A 251 -13.08 1.21 18.17
N ASN A 252 -12.73 0.65 17.01
CA ASN A 252 -11.31 0.33 16.70
C ASN A 252 -11.16 0.37 15.20
N SER A 253 -9.99 0.73 14.77
CA SER A 253 -9.68 0.68 13.36
C SER A 253 -9.83 -0.73 12.80
N LEU A 254 -10.20 -0.81 11.53
CA LEU A 254 -10.49 -2.08 10.85
C LEU A 254 -9.36 -2.55 10.00
N ILE A 255 -9.05 -3.86 10.00
CA ILE A 255 -8.17 -4.46 9.04
C ILE A 255 -9.10 -5.31 8.18
N GLY A 256 -9.38 -4.83 6.97
CA GLY A 256 -10.26 -5.49 6.00
C GLY A 256 -10.71 -4.48 4.94
N GLU A 257 -11.69 -4.89 4.17
CA GLU A 257 -12.18 -4.18 3.01
C GLU A 257 -13.68 -3.98 3.22
N PHE A 258 -14.17 -2.77 2.99
CA PHE A 258 -15.60 -2.50 2.92
C PHE A 258 -16.00 -2.22 1.50
N ARG A 259 -17.15 -2.77 1.08
CA ARG A 259 -17.74 -2.50 -0.22
C ARG A 259 -19.17 -2.12 0.00
N GLY A 260 -19.54 -0.94 -0.46
CA GLY A 260 -20.93 -0.48 -0.43
C GLY A 260 -21.56 -0.28 -1.79
N PHE A 261 -22.85 -0.63 -1.85
CA PHE A 261 -23.62 -0.52 -3.08
CA PHE A 261 -23.63 -0.63 -3.06
C PHE A 261 -24.96 0.07 -2.74
N LYS A 262 -25.07 1.36 -3.05
CA LYS A 262 -26.25 2.17 -2.82
C LYS A 262 -26.69 2.17 -1.37
N SER A 263 -25.72 1.97 -0.50
CA SER A 263 -25.90 1.80 0.95
CA SER A 263 -26.00 1.83 0.92
C SER A 263 -25.84 3.17 1.62
N GLY A 264 -26.34 3.25 2.85
CA GLY A 264 -26.27 4.45 3.62
C GLY A 264 -26.08 4.16 5.10
N HIS A 265 -26.41 5.12 5.96
CA HIS A 265 -26.18 4.97 7.42
C HIS A 265 -26.93 3.80 8.09
N ALA A 266 -28.11 3.49 7.59
CA ALA A 266 -28.95 2.39 8.16
C ALA A 266 -28.30 1.03 7.85
N LEU A 267 -27.86 0.82 6.61
CA LEU A 267 -27.25 -0.48 6.33
C LEU A 267 -25.83 -0.53 6.86
N ASN A 268 -25.17 0.61 6.99
CA ASN A 268 -23.83 0.64 7.56
C ASN A 268 -23.89 0.16 9.00
N ASN A 269 -24.84 0.66 9.76
CA ASN A 269 -25.04 0.24 11.12
C ASN A 269 -25.54 -1.24 11.21
N GLN A 270 -26.42 -1.68 10.30
CA GLN A 270 -26.80 -3.09 10.31
C GLN A 270 -25.60 -4.05 10.08
N LEU A 271 -24.71 -3.64 9.16
CA LEU A 271 -23.48 -4.38 8.89
C LEU A 271 -22.63 -4.51 10.16
N LEU A 272 -22.46 -3.39 10.93
CA LEU A 272 -21.73 -3.44 12.18
C LEU A 272 -22.36 -4.36 13.17
N ARG A 273 -23.69 -4.33 13.23
CA ARG A 273 -24.41 -5.12 14.23
C ARG A 273 -24.28 -6.62 13.88
N THR A 274 -24.43 -6.94 12.61
CA THR A 274 -24.23 -8.31 12.17
C THR A 274 -22.80 -8.83 12.35
N LEU A 275 -21.81 -8.00 12.00
CA LEU A 275 -20.45 -8.31 12.27
C LEU A 275 -20.20 -8.63 13.76
N ILE A 276 -20.61 -7.72 14.62
CA ILE A 276 -20.34 -7.85 16.04
C ILE A 276 -20.91 -9.20 16.58
N ALA A 277 -22.15 -9.51 16.21
CA ALA A 277 -22.80 -10.71 16.64
C ALA A 277 -22.12 -11.95 16.08
N ASP A 278 -21.45 -11.86 14.92
CA ASP A 278 -20.79 -13.04 14.34
C ASP A 278 -19.34 -13.08 14.76
N LYS A 279 -19.10 -13.57 15.98
CA LYS A 279 -17.74 -13.50 16.55
C LYS A 279 -16.72 -14.35 15.86
N ASP A 280 -17.17 -15.29 15.03
CA ASP A 280 -16.28 -16.06 14.20
C ASP A 280 -15.70 -15.24 13.05
N ALA A 281 -16.33 -14.14 12.72
CA ALA A 281 -15.92 -13.31 11.58
C ALA A 281 -14.88 -12.24 11.84
N TRP A 282 -14.47 -12.07 13.09
CA TRP A 282 -13.50 -11.05 13.41
C TRP A 282 -12.67 -11.41 14.62
N GLU A 283 -11.55 -10.72 14.76
CA GLU A 283 -10.69 -10.83 15.95
C GLU A 283 -10.05 -9.50 16.25
N VAL A 284 -9.68 -9.29 17.51
CA VAL A 284 -8.95 -8.10 17.92
C VAL A 284 -7.48 -8.44 17.86
N VAL A 285 -6.70 -7.61 17.22
CA VAL A 285 -5.25 -7.87 17.10
C VAL A 285 -4.50 -6.62 17.44
N THR A 286 -3.26 -6.79 17.88
CA THR A 286 -2.33 -5.71 18.09
C THR A 286 -1.04 -6.03 17.32
N PHE A 287 -0.18 -5.03 17.21
CA PHE A 287 1.07 -5.13 16.49
C PHE A 287 2.22 -4.64 17.37
N GLU A 288 2.97 -5.61 17.88
CA GLU A 288 4.15 -5.34 18.72
C GLU A 288 5.31 -4.83 17.89
N ASP A 289 5.22 -5.08 16.59
CA ASP A 289 6.23 -4.65 15.68
C ASP A 289 5.48 -4.09 14.53
N ALA A 290 5.54 -2.79 14.39
CA ALA A 290 4.81 -2.11 13.33
C ALA A 290 5.12 -2.58 11.90
N ARG A 291 6.29 -3.17 11.69
CA ARG A 291 6.69 -3.65 10.37
C ARG A 291 5.90 -4.83 9.85
N THR A 292 5.19 -5.54 10.71
CA THR A 292 4.37 -6.70 10.31
C THR A 292 2.95 -6.28 10.02
N ALA A 293 2.69 -4.99 10.15
CA ALA A 293 1.33 -4.51 10.06
C ALA A 293 0.89 -4.17 8.61
N PRO A 294 -0.37 -4.46 8.28
CA PRO A 294 -0.98 -4.09 7.00
C PRO A 294 -1.46 -2.61 6.85
N ILE A 295 -1.37 -1.84 7.93
CA ILE A 295 -1.77 -0.47 7.97
C ILE A 295 -0.63 0.28 8.63
N SER A 296 -0.37 1.49 8.17
CA SER A 296 0.41 2.42 8.96
C SER A 296 -0.23 3.80 9.05
N TYR A 297 0.26 4.57 10.01
CA TYR A 297 -0.29 5.87 10.36
C TYR A 297 0.78 6.91 10.12
N MET A 298 0.33 8.12 9.81
CA MET A 298 1.25 9.28 9.73
C MET A 298 1.91 9.60 11.05
N ARG A 299 3.06 10.26 11.03
CA ARG A 299 3.64 10.73 12.31
C ARG A 299 2.62 11.55 13.19
N PRO A 300 2.74 11.43 14.55
CA PRO A 300 1.94 12.26 15.46
C PRO A 300 2.48 13.69 15.52
N SER B 1 -3.36 7.10 -22.18
CA SER B 1 -3.10 5.75 -22.69
C SER B 1 -2.86 4.86 -21.53
N MET B 2 -2.89 3.57 -21.80
CA MET B 2 -2.55 2.53 -20.80
C MET B 2 -1.11 2.55 -20.40
N ILE B 3 -0.81 1.85 -19.29
CA ILE B 3 0.57 1.53 -18.98
C ILE B 3 1.01 0.45 -19.96
N LYS B 4 2.02 0.79 -20.74
CA LYS B 4 2.46 -0.02 -21.85
C LYS B 4 3.67 -0.93 -21.50
N GLN B 5 3.80 -2.05 -22.19
CA GLN B 5 5.00 -2.89 -22.13
C GLN B 5 6.20 -2.07 -22.70
N ARG B 6 7.37 -2.30 -22.12
CA ARG B 6 8.58 -1.67 -22.63
C ARG B 6 9.64 -2.66 -23.02
N THR B 7 10.35 -2.25 -24.07
CA THR B 7 11.56 -2.88 -24.49
C THR B 7 12.71 -1.88 -24.60
N LEU B 8 13.87 -2.36 -25.07
CA LEU B 8 15.00 -1.51 -25.36
CA LEU B 8 15.01 -1.49 -25.36
C LEU B 8 14.76 -0.84 -26.72
N LYS B 9 15.18 0.40 -26.84
CA LYS B 9 15.14 1.13 -28.11
C LYS B 9 16.27 0.66 -29.07
N ASN B 10 17.43 0.35 -28.54
CA ASN B 10 18.62 0.00 -29.33
C ASN B 10 19.33 -1.17 -28.62
N ILE B 11 20.14 -1.84 -29.39
CA ILE B 11 21.03 -2.87 -28.90
C ILE B 11 22.14 -2.18 -28.14
N ILE B 12 22.56 -2.74 -27.01
CA ILE B 12 23.79 -2.23 -26.36
C ILE B 12 24.62 -3.42 -25.85
N ARG B 13 25.93 -3.22 -25.83
CA ARG B 13 26.87 -4.27 -25.49
C ARG B 13 27.77 -3.83 -24.33
N ALA B 14 28.27 -4.82 -23.62
CA ALA B 14 29.18 -4.63 -22.53
C ALA B 14 30.00 -5.92 -22.32
N THR B 15 31.12 -5.74 -21.65
CA THR B 15 32.01 -6.85 -21.33
C THR B 15 32.34 -6.82 -19.84
N GLY B 16 32.58 -7.98 -19.26
CA GLY B 16 33.10 -8.08 -17.88
C GLY B 16 33.58 -9.49 -17.64
N VAL B 17 33.64 -9.83 -16.37
CA VAL B 17 34.13 -11.11 -15.92
CA VAL B 17 34.18 -11.07 -15.88
C VAL B 17 33.05 -11.76 -15.09
N GLY B 18 32.90 -13.06 -15.23
CA GLY B 18 31.95 -13.80 -14.41
C GLY B 18 32.45 -13.82 -12.98
N LEU B 19 31.57 -13.54 -12.00
CA LEU B 19 31.95 -13.65 -10.60
C LEU B 19 32.56 -15.06 -10.27
N HIS B 20 31.89 -16.12 -10.70
CA HIS B 20 32.24 -17.47 -10.28
C HIS B 20 33.26 -17.97 -11.22
N SER B 21 33.02 -17.76 -12.48
CA SER B 21 33.84 -18.36 -13.50
C SER B 21 35.18 -17.69 -13.58
N GLY B 22 35.23 -16.39 -13.36
CA GLY B 22 36.43 -15.62 -13.60
C GLY B 22 36.70 -15.46 -15.10
N GLU B 23 35.76 -15.90 -15.97
CA GLU B 23 35.97 -15.86 -17.44
C GLU B 23 35.51 -14.44 -17.98
N LYS B 24 36.27 -13.83 -18.88
CA LYS B 24 35.76 -12.72 -19.71
C LYS B 24 34.42 -13.08 -20.42
N VAL B 25 33.41 -12.23 -20.34
CA VAL B 25 32.13 -12.54 -21.02
C VAL B 25 31.59 -11.31 -21.70
N TYR B 26 31.00 -11.51 -22.87
CA TYR B 26 30.47 -10.41 -23.67
C TYR B 26 28.96 -10.54 -23.56
N LEU B 27 28.34 -9.40 -23.22
CA LEU B 27 26.94 -9.25 -22.95
C LEU B 27 26.36 -8.39 -24.04
N THR B 28 25.19 -8.81 -24.61
CA THR B 28 24.45 -7.96 -25.57
C THR B 28 22.98 -7.92 -25.15
N LEU B 29 22.45 -6.70 -24.97
CA LEU B 29 21.03 -6.49 -24.62
C LEU B 29 20.31 -6.06 -25.86
N LYS B 30 19.23 -6.74 -26.19
CA LYS B 30 18.51 -6.46 -27.42
CA LYS B 30 18.51 -6.46 -27.42
C LYS B 30 17.02 -6.18 -27.18
N PRO B 31 16.44 -5.27 -28.00
CA PRO B 31 14.98 -5.21 -28.05
C PRO B 31 14.32 -6.60 -28.35
N ALA B 32 13.07 -6.80 -27.90
CA ALA B 32 12.31 -7.98 -28.17
C ALA B 32 10.86 -7.61 -28.34
N PRO B 33 10.11 -8.48 -29.02
CA PRO B 33 8.69 -8.23 -29.23
C PRO B 33 7.84 -8.25 -27.94
N VAL B 34 6.62 -7.73 -28.06
CA VAL B 34 5.55 -7.88 -27.06
C VAL B 34 5.47 -9.31 -26.49
N ASP B 35 5.32 -9.41 -25.19
CA ASP B 35 5.05 -10.69 -24.51
C ASP B 35 6.20 -11.72 -24.58
N THR B 36 7.41 -11.25 -24.82
CA THR B 36 8.57 -12.12 -24.89
C THR B 36 9.05 -12.43 -23.51
N GLY B 37 9.00 -11.41 -22.63
CA GLY B 37 9.67 -11.45 -21.37
C GLY B 37 11.15 -11.23 -21.54
N ILE B 38 11.90 -11.54 -20.50
CA ILE B 38 13.37 -11.43 -20.52
C ILE B 38 13.90 -12.82 -20.88
N VAL B 39 14.70 -12.98 -21.95
CA VAL B 39 15.11 -14.29 -22.40
C VAL B 39 16.62 -14.25 -22.51
N PHE B 40 17.32 -15.19 -21.85
CA PHE B 40 18.80 -15.27 -21.92
C PHE B 40 19.13 -16.20 -23.07
N SER B 41 20.24 -15.95 -23.73
CA SER B 41 20.67 -16.71 -24.94
CA SER B 41 20.67 -16.74 -24.89
C SER B 41 22.12 -17.01 -24.72
N ARG B 42 22.53 -18.27 -24.79
CA ARG B 42 23.94 -18.62 -24.81
C ARG B 42 24.42 -18.66 -26.28
N THR B 43 25.02 -17.59 -26.72
CA THR B 43 25.40 -17.50 -28.14
C THR B 43 26.71 -18.10 -28.52
N ASP B 44 27.45 -18.57 -27.51
CA ASP B 44 28.66 -19.33 -27.71
C ASP B 44 28.38 -20.79 -28.03
N LEU B 45 27.15 -21.28 -27.84
CA LEU B 45 26.76 -22.64 -28.18
C LEU B 45 26.22 -22.72 -29.62
N ASP B 46 26.39 -23.86 -30.30
CA ASP B 46 25.78 -24.10 -31.62
C ASP B 46 25.07 -25.45 -31.53
N PRO B 47 23.74 -25.47 -31.60
CA PRO B 47 22.88 -24.30 -31.75
C PRO B 47 22.84 -23.39 -30.46
N VAL B 48 22.41 -22.15 -30.66
CA VAL B 48 22.14 -21.21 -29.60
C VAL B 48 21.05 -21.80 -28.69
N VAL B 49 21.27 -21.72 -27.36
CA VAL B 49 20.29 -22.16 -26.40
C VAL B 49 19.69 -20.91 -25.70
N GLU B 50 18.35 -20.83 -25.67
CA GLU B 50 17.66 -19.76 -24.98
C GLU B 50 17.05 -20.31 -23.71
N ILE B 51 17.08 -19.46 -22.70
CA ILE B 51 16.49 -19.78 -21.40
C ILE B 51 15.65 -18.56 -20.95
N PRO B 52 14.32 -18.69 -21.04
CA PRO B 52 13.47 -17.62 -20.48
C PRO B 52 13.78 -17.38 -18.98
N ALA B 53 13.85 -16.11 -18.54
CA ALA B 53 14.09 -15.74 -17.15
C ALA B 53 12.77 -15.95 -16.39
N ARG B 54 12.49 -17.20 -16.02
CA ARG B 54 11.24 -17.54 -15.37
C ARG B 54 11.55 -18.45 -14.23
N ALA B 55 10.68 -18.40 -13.24
CA ALA B 55 10.92 -19.19 -11.98
C ALA B 55 11.11 -20.70 -12.21
N GLU B 56 10.35 -21.24 -13.14
CA GLU B 56 10.52 -22.65 -13.60
C GLU B 56 11.89 -23.08 -14.11
N ASN B 57 12.74 -22.13 -14.51
CA ASN B 57 14.05 -22.44 -15.04
C ASN B 57 15.13 -22.20 -14.05
N VAL B 58 14.80 -21.93 -12.80
CA VAL B 58 15.81 -21.77 -11.79
C VAL B 58 16.39 -23.13 -11.37
N GLY B 59 17.73 -23.27 -11.49
CA GLY B 59 18.53 -24.36 -10.88
C GLY B 59 19.13 -24.00 -9.54
N GLU B 60 20.44 -23.96 -9.42
CA GLU B 60 21.04 -23.87 -8.12
C GLU B 60 20.73 -22.46 -7.61
N THR B 61 20.55 -22.33 -6.32
CA THR B 61 20.34 -21.03 -5.69
C THR B 61 21.17 -20.88 -4.46
N THR B 62 22.25 -21.65 -4.35
CA THR B 62 23.01 -21.63 -3.08
C THR B 62 23.93 -20.40 -2.99
N MET B 63 24.46 -19.95 -4.09
CA MET B 63 25.30 -18.77 -4.05
C MET B 63 24.58 -17.57 -4.71
N SER B 64 24.13 -17.80 -5.92
CA SER B 64 23.54 -16.78 -6.76
C SER B 64 22.44 -17.53 -7.53
N THR B 65 21.59 -16.81 -8.26
CA THR B 65 20.50 -17.45 -8.93
C THR B 65 20.94 -17.93 -10.31
N THR B 66 20.82 -19.23 -10.57
CA THR B 66 21.25 -19.82 -11.80
C THR B 66 20.04 -20.26 -12.59
N LEU B 67 20.02 -19.94 -13.89
CA LEU B 67 19.01 -20.52 -14.78
C LEU B 67 19.57 -21.73 -15.52
N VAL B 68 18.71 -22.71 -15.81
CA VAL B 68 19.18 -23.99 -16.40
C VAL B 68 18.20 -24.51 -17.42
N LYS B 69 18.75 -25.11 -18.46
CA LYS B 69 17.87 -25.84 -19.38
C LYS B 69 18.75 -26.99 -19.84
N GLY B 70 18.38 -28.21 -19.46
CA GLY B 70 19.24 -29.37 -19.64
C GLY B 70 20.54 -29.13 -18.88
N ASP B 71 21.66 -29.35 -19.52
CA ASP B 71 22.91 -29.11 -18.86
C ASP B 71 23.49 -27.74 -19.27
N VAL B 72 22.67 -26.84 -19.80
CA VAL B 72 23.15 -25.48 -20.13
C VAL B 72 22.69 -24.57 -18.99
N LYS B 73 23.58 -23.73 -18.50
CA LYS B 73 23.27 -22.81 -17.41
C LYS B 73 23.64 -21.36 -17.74
N VAL B 74 22.96 -20.44 -17.04
CA VAL B 74 23.38 -19.05 -16.93
C VAL B 74 23.45 -18.68 -15.46
N ASP B 75 24.64 -18.38 -14.95
CA ASP B 75 24.81 -18.09 -13.55
C ASP B 75 24.63 -16.60 -13.32
N THR B 76 24.25 -16.28 -12.07
CA THR B 76 24.26 -14.92 -11.53
C THR B 76 23.37 -13.96 -12.33
N VAL B 77 22.10 -14.33 -12.46
CA VAL B 77 21.21 -13.47 -13.27
C VAL B 77 20.60 -12.29 -12.49
N GLU B 78 20.71 -12.32 -11.18
CA GLU B 78 19.86 -11.47 -10.33
C GLU B 78 20.17 -10.01 -10.37
N HIS B 79 21.44 -9.62 -10.55
CA HIS B 79 21.72 -8.19 -10.62
C HIS B 79 21.26 -7.57 -11.88
N LEU B 80 21.46 -8.26 -12.98
CA LEU B 80 20.91 -7.72 -14.28
C LEU B 80 19.35 -7.72 -14.24
N LEU B 81 18.72 -8.79 -13.77
CA LEU B 81 17.25 -8.78 -13.66
C LEU B 81 16.72 -7.68 -12.74
N SER B 82 17.46 -7.31 -11.69
CA SER B 82 17.05 -6.24 -10.77
CA SER B 82 17.05 -6.23 -10.78
C SER B 82 16.98 -4.93 -11.55
N ALA B 83 17.97 -4.70 -12.42
CA ALA B 83 18.02 -3.51 -13.28
C ALA B 83 16.85 -3.45 -14.25
N MET B 84 16.57 -4.58 -14.89
CA MET B 84 15.47 -4.68 -15.79
C MET B 84 14.13 -4.40 -15.07
N ALA B 85 13.97 -4.98 -13.86
CA ALA B 85 12.78 -4.71 -13.04
C ALA B 85 12.68 -3.30 -12.63
N GLY B 86 13.82 -2.72 -12.24
CA GLY B 86 13.86 -1.40 -11.64
C GLY B 86 13.55 -0.34 -12.70
N LEU B 87 13.85 -0.60 -13.95
CA LEU B 87 13.56 0.33 -15.08
C LEU B 87 12.34 -0.06 -15.88
N GLY B 88 11.66 -1.10 -15.46
CA GLY B 88 10.36 -1.49 -16.02
C GLY B 88 10.48 -2.06 -17.44
N ILE B 89 11.51 -2.89 -17.69
CA ILE B 89 11.76 -3.45 -19.00
CA ILE B 89 11.71 -3.49 -19.01
C ILE B 89 11.04 -4.80 -18.99
N ASP B 90 10.04 -4.96 -19.85
CA ASP B 90 9.28 -6.20 -19.91
C ASP B 90 9.94 -7.17 -20.80
N ASN B 91 10.45 -6.70 -21.94
CA ASN B 91 10.83 -7.58 -23.01
C ASN B 91 12.23 -7.23 -23.47
N ALA B 92 13.13 -8.20 -23.42
CA ALA B 92 14.50 -8.08 -23.86
C ALA B 92 15.16 -9.46 -24.10
N TYR B 93 16.14 -9.50 -25.01
CA TYR B 93 17.02 -10.65 -25.18
C TYR B 93 18.36 -10.26 -24.58
N VAL B 94 18.92 -11.18 -23.76
CA VAL B 94 20.19 -10.96 -23.11
C VAL B 94 21.04 -12.07 -23.68
N GLU B 95 21.96 -11.71 -24.57
CA GLU B 95 22.93 -12.66 -25.13
C GLU B 95 24.25 -12.68 -24.32
N LEU B 96 24.73 -13.89 -24.06
CA LEU B 96 26.00 -14.10 -23.35
C LEU B 96 26.89 -15.00 -24.12
N SER B 97 28.20 -14.71 -24.09
CA SER B 97 29.21 -15.52 -24.71
C SER B 97 29.78 -16.60 -23.76
N ALA B 98 29.20 -16.74 -22.58
CA ALA B 98 29.67 -17.65 -21.55
C ALA B 98 28.52 -17.94 -20.55
N SER B 99 28.69 -18.94 -19.68
CA SER B 99 27.70 -19.40 -18.78
C SER B 99 27.43 -18.46 -17.62
N GLU B 100 27.79 -17.21 -17.70
CA GLU B 100 27.57 -16.33 -16.51
C GLU B 100 27.42 -14.89 -16.95
N VAL B 101 26.54 -14.15 -16.28
CA VAL B 101 26.36 -12.72 -16.53
C VAL B 101 27.60 -12.01 -15.93
N PRO B 102 28.15 -11.02 -16.62
CA PRO B 102 29.34 -10.42 -15.99
C PRO B 102 28.99 -9.67 -14.71
N ILE B 103 29.85 -9.76 -13.70
CA ILE B 103 29.62 -9.14 -12.40
C ILE B 103 29.72 -7.60 -12.35
N MET B 104 30.51 -7.03 -13.25
CA MET B 104 30.63 -5.59 -13.40
C MET B 104 31.24 -5.06 -12.09
N ASP B 105 30.61 -4.08 -11.42
CA ASP B 105 31.11 -3.55 -10.16
C ASP B 105 30.44 -4.17 -8.92
N GLY B 106 29.61 -5.20 -9.16
CA GLY B 106 28.89 -5.96 -8.12
C GLY B 106 27.53 -5.46 -7.76
N SER B 107 27.11 -4.38 -8.42
CA SER B 107 25.83 -3.73 -8.17
C SER B 107 25.01 -3.80 -9.46
N ALA B 108 23.89 -3.10 -9.48
CA ALA B 108 23.09 -2.98 -10.70
C ALA B 108 23.39 -1.67 -11.41
N GLY B 109 24.29 -0.84 -10.88
CA GLY B 109 24.54 0.45 -11.49
C GLY B 109 24.98 0.41 -12.90
N PRO B 110 25.97 -0.44 -13.23
CA PRO B 110 26.39 -0.43 -14.63
C PRO B 110 25.27 -0.92 -15.58
N PHE B 111 24.41 -1.81 -15.10
CA PHE B 111 23.31 -2.28 -15.95
C PHE B 111 22.23 -1.23 -16.15
N VAL B 112 21.87 -0.47 -15.11
CA VAL B 112 20.90 0.60 -15.24
CA VAL B 112 20.87 0.59 -15.33
C VAL B 112 21.43 1.69 -16.20
N PHE B 113 22.73 2.03 -16.11
CA PHE B 113 23.36 2.94 -17.06
C PHE B 113 23.27 2.41 -18.49
N LEU B 114 23.61 1.15 -18.67
CA LEU B 114 23.60 0.56 -20.02
C LEU B 114 22.20 0.57 -20.65
N ILE B 115 21.22 0.21 -19.85
CA ILE B 115 19.88 0.11 -20.34
C ILE B 115 19.42 1.52 -20.71
N GLN B 116 19.58 2.46 -19.77
CA GLN B 116 19.11 3.82 -20.05
C GLN B 116 19.89 4.43 -21.22
N SER B 117 21.17 4.12 -21.34
CA SER B 117 21.92 4.51 -22.52
C SER B 117 21.34 3.93 -23.83
N ALA B 118 20.85 2.71 -23.85
CA ALA B 118 20.20 2.13 -25.02
C ALA B 118 18.83 2.81 -25.26
N GLY B 119 18.27 3.40 -24.21
CA GLY B 119 16.96 3.97 -24.22
C GLY B 119 15.85 2.93 -24.21
N LEU B 120 14.67 3.43 -23.96
CA LEU B 120 13.49 2.62 -23.75
C LEU B 120 12.54 2.88 -24.91
N GLN B 121 11.72 1.88 -25.21
CA GLN B 121 10.71 1.94 -26.26
C GLN B 121 9.42 1.34 -25.68
N GLU B 122 8.38 2.17 -25.55
CA GLU B 122 7.05 1.66 -25.23
C GLU B 122 6.48 0.90 -26.43
N GLN B 123 5.72 -0.18 -26.17
CA GLN B 123 5.15 -1.03 -27.18
C GLN B 123 3.65 -0.98 -27.03
N GLU B 124 2.95 -1.21 -28.13
CA GLU B 124 1.50 -1.18 -28.14
C GLU B 124 0.85 -2.44 -27.57
N ALA B 125 1.04 -2.67 -26.28
CA ALA B 125 0.41 -3.72 -25.57
C ALA B 125 0.40 -3.35 -24.12
N ALA B 126 -0.66 -3.75 -23.43
CA ALA B 126 -0.81 -3.45 -22.01
C ALA B 126 0.24 -4.21 -21.23
N LYS B 127 0.89 -3.52 -20.30
CA LYS B 127 1.77 -4.15 -19.34
C LYS B 127 0.92 -4.87 -18.31
N LYS B 128 1.24 -6.15 -18.09
CA LYS B 128 0.54 -7.03 -17.13
C LYS B 128 1.29 -7.03 -15.79
N PHE B 129 0.54 -6.77 -14.73
CA PHE B 129 1.00 -6.87 -13.36
C PHE B 129 0.37 -8.00 -12.60
N ILE B 130 1.12 -8.49 -11.64
CA ILE B 130 0.66 -9.51 -10.72
CA ILE B 130 0.59 -9.50 -10.76
C ILE B 130 0.37 -8.84 -9.41
N ARG B 131 -0.90 -8.77 -9.05
CA ARG B 131 -1.32 -8.15 -7.79
CA ARG B 131 -1.33 -8.15 -7.78
C ARG B 131 -1.51 -9.17 -6.65
N ILE B 132 -0.82 -8.94 -5.53
CA ILE B 132 -0.96 -9.77 -4.34
C ILE B 132 -2.31 -9.46 -3.69
N LYS B 133 -3.10 -10.48 -3.44
CA LYS B 133 -4.46 -10.35 -2.87
C LYS B 133 -4.51 -10.72 -1.41
N ARG B 134 -3.62 -11.62 -1.04
CA ARG B 134 -3.47 -12.06 0.34
C ARG B 134 -2.07 -12.49 0.64
N GLU B 135 -1.77 -12.69 1.93
CA GLU B 135 -0.45 -13.06 2.37
C GLU B 135 -0.03 -14.44 1.82
N VAL B 136 1.19 -14.51 1.26
CA VAL B 136 1.83 -15.75 0.83
C VAL B 136 3.21 -15.77 1.45
N SER B 137 3.58 -16.85 2.11
CA SER B 137 4.87 -16.87 2.76
C SER B 137 5.58 -18.21 2.73
N VAL B 138 6.92 -18.15 2.83
CA VAL B 138 7.73 -19.33 2.99
C VAL B 138 8.64 -19.05 4.14
N GLU B 139 8.86 -20.08 4.93
CA GLU B 139 9.77 -19.99 6.06
C GLU B 139 10.65 -21.23 6.07
N GLU B 140 11.85 -21.07 6.58
CA GLU B 140 12.70 -22.21 6.85
C GLU B 140 13.62 -21.84 8.00
N GLY B 141 13.37 -22.51 9.16
CA GLY B 141 14.09 -22.22 10.41
C GLY B 141 13.81 -20.78 10.74
N ASP B 142 14.84 -19.96 10.82
CA ASP B 142 14.50 -18.58 11.22
C ASP B 142 14.39 -17.66 10.01
N LYS B 143 14.58 -18.18 8.80
CA LYS B 143 14.45 -17.39 7.56
C LYS B 143 13.01 -17.33 7.08
N ARG B 144 12.62 -16.17 6.49
CA ARG B 144 11.27 -15.91 6.05
CA ARG B 144 11.28 -15.91 6.00
C ARG B 144 11.32 -15.03 4.77
N ALA B 145 10.45 -15.31 3.82
CA ALA B 145 10.21 -14.47 2.66
C ALA B 145 8.68 -14.41 2.52
N VAL B 146 8.12 -13.20 2.45
CA VAL B 146 6.67 -13.03 2.48
C VAL B 146 6.27 -12.03 1.39
N PHE B 147 5.15 -12.31 0.76
CA PHE B 147 4.39 -11.32 0.07
C PHE B 147 3.09 -10.93 0.85
N VAL B 148 2.83 -9.61 0.95
CA VAL B 148 1.58 -9.07 1.46
C VAL B 148 0.98 -8.07 0.49
N PRO B 149 -0.35 -7.84 0.56
CA PRO B 149 -0.95 -6.75 -0.20
C PRO B 149 -0.40 -5.41 0.10
N PHE B 150 -0.28 -4.60 -0.96
CA PHE B 150 0.18 -3.20 -0.86
C PHE B 150 -0.09 -2.60 -2.26
N ASP B 151 -0.71 -1.43 -2.29
CA ASP B 151 -1.11 -0.80 -3.52
C ASP B 151 0.05 0.00 -4.13
N GLY B 152 1.01 -0.71 -4.69
CA GLY B 152 2.28 -0.14 -5.07
C GLY B 152 3.27 -1.29 -5.18
N PHE B 153 4.52 -0.95 -5.06
CA PHE B 153 5.57 -1.93 -4.91
C PHE B 153 6.51 -1.41 -3.87
N LYS B 154 6.72 -2.23 -2.83
CA LYS B 154 7.55 -1.93 -1.66
C LYS B 154 8.33 -3.19 -1.24
N VAL B 155 9.60 -3.03 -0.86
CA VAL B 155 10.40 -4.12 -0.37
C VAL B 155 10.95 -3.76 0.98
N SER B 156 10.70 -4.60 1.99
CA SER B 156 11.25 -4.46 3.33
C SER B 156 12.19 -5.62 3.63
N PHE B 157 13.31 -5.37 4.31
CA PHE B 157 14.29 -6.41 4.47
C PHE B 157 15.01 -6.22 5.79
N GLU B 158 15.28 -7.34 6.42
CA GLU B 158 16.09 -7.40 7.65
C GLU B 158 17.13 -8.51 7.50
N ILE B 159 18.38 -8.13 7.73
CA ILE B 159 19.48 -9.09 7.87
C ILE B 159 19.85 -9.27 9.35
N ASP B 160 20.61 -10.28 9.69
CA ASP B 160 20.91 -10.51 11.13
C ASP B 160 22.23 -11.25 11.21
N PHE B 161 23.32 -10.56 10.93
CA PHE B 161 24.60 -11.24 10.85
C PHE B 161 25.39 -11.32 12.16
N ASP B 162 24.96 -10.60 13.19
CA ASP B 162 25.71 -10.66 14.45
C ASP B 162 27.20 -10.50 14.16
N HIS B 163 27.47 -9.45 13.44
CA HIS B 163 28.80 -9.15 13.03
C HIS B 163 29.00 -7.69 13.37
N PRO B 164 30.17 -7.32 13.90
CA PRO B 164 30.48 -5.94 14.27
C PRO B 164 30.33 -4.86 13.18
N VAL B 165 30.47 -5.23 11.90
CA VAL B 165 30.47 -4.22 10.86
C VAL B 165 29.13 -3.52 10.70
N PHE B 166 28.04 -4.14 11.14
CA PHE B 166 26.71 -3.53 11.01
C PHE B 166 26.39 -2.53 12.10
N ARG B 167 26.66 -1.24 11.84
CA ARG B 167 26.29 -0.16 12.78
C ARG B 167 24.78 -0.05 12.93
N GLY B 168 24.36 0.23 14.14
CA GLY B 168 23.04 0.75 14.39
C GLY B 168 21.89 0.01 13.76
N ARG B 169 21.01 0.76 13.08
CA ARG B 169 19.78 0.28 12.47
C ARG B 169 19.98 -0.04 10.99
N THR B 170 21.21 -0.26 10.55
CA THR B 170 21.49 -0.53 9.13
C THR B 170 21.19 -1.95 8.69
N GLN B 171 20.75 -2.80 9.60
CA GLN B 171 20.39 -4.16 9.23
C GLN B 171 18.91 -4.30 8.78
N GLN B 172 18.16 -3.20 8.76
CA GLN B 172 16.83 -3.20 8.20
C GLN B 172 16.66 -1.96 7.31
N ALA B 173 15.82 -2.14 6.29
CA ALA B 173 15.41 -1.03 5.39
C ALA B 173 14.08 -1.36 4.80
N SER B 174 13.28 -0.35 4.46
CA SER B 174 12.07 -0.51 3.65
C SER B 174 12.12 0.54 2.59
N VAL B 175 11.92 0.15 1.33
CA VAL B 175 11.94 1.07 0.24
C VAL B 175 10.61 0.97 -0.47
N ASP B 176 9.92 2.12 -0.56
CA ASP B 176 8.65 2.23 -1.26
C ASP B 176 8.94 2.89 -2.58
N PHE B 177 8.79 2.17 -3.66
CA PHE B 177 9.08 2.67 -4.96
C PHE B 177 8.03 3.72 -5.53
N SER B 178 7.11 4.22 -4.69
CA SER B 178 6.32 5.44 -5.01
C SER B 178 6.94 6.75 -4.51
N SER B 179 7.81 6.66 -3.50
CA SER B 179 8.52 7.83 -2.98
C SER B 179 10.04 7.76 -3.13
N THR B 180 10.55 6.70 -3.79
CA THR B 180 12.01 6.40 -3.84
C THR B 180 12.39 5.73 -5.18
N SER B 181 13.39 6.27 -5.82
CA SER B 181 13.94 5.77 -7.07
C SER B 181 14.71 4.45 -6.81
N PHE B 182 14.41 3.40 -7.58
CA PHE B 182 15.30 2.20 -7.67
C PHE B 182 16.74 2.64 -7.93
N VAL B 183 16.93 3.49 -8.94
CA VAL B 183 18.26 3.88 -9.33
C VAL B 183 18.94 4.58 -8.14
N LYS B 184 18.24 5.53 -7.56
CA LYS B 184 18.87 6.31 -6.52
C LYS B 184 18.98 5.52 -5.22
N GLU B 185 18.04 4.66 -4.90
CA GLU B 185 18.20 4.15 -3.56
C GLU B 185 18.83 2.75 -3.42
N VAL B 186 18.82 1.96 -4.47
CA VAL B 186 19.31 0.58 -4.40
C VAL B 186 20.37 0.23 -5.44
N SER B 187 20.39 0.90 -6.62
CA SER B 187 21.06 0.30 -7.78
C SER B 187 22.56 0.20 -7.61
N ARG B 188 23.16 1.10 -6.85
CA ARG B 188 24.62 1.06 -6.70
C ARG B 188 25.10 0.16 -5.54
N ALA B 189 24.18 -0.52 -4.88
CA ALA B 189 24.52 -1.36 -3.74
C ALA B 189 25.24 -2.61 -4.18
N ARG B 190 26.47 -2.76 -3.78
CA ARG B 190 27.30 -3.87 -4.22
C ARG B 190 27.12 -5.11 -3.39
N THR B 191 27.37 -6.22 -4.05
CA THR B 191 27.42 -7.51 -3.39
C THR B 191 28.55 -7.53 -2.35
N PHE B 192 28.47 -8.55 -1.50
CA PHE B 192 29.36 -8.65 -0.36
C PHE B 192 29.65 -10.06 0.04
N GLY B 193 30.72 -10.20 0.80
CA GLY B 193 31.10 -11.47 1.35
C GLY B 193 32.05 -11.34 2.52
N PHE B 194 31.95 -12.31 3.38
CA PHE B 194 32.79 -12.46 4.58
C PHE B 194 34.00 -13.28 4.23
N MET B 195 35.15 -12.84 4.72
CA MET B 195 36.43 -13.45 4.35
C MET B 195 36.46 -14.99 4.34
N ARG B 196 36.09 -15.62 5.44
CA ARG B 196 36.21 -17.06 5.53
C ARG B 196 35.30 -17.78 4.55
N ASP B 197 34.12 -17.18 4.30
CA ASP B 197 33.19 -17.75 3.34
C ASP B 197 33.71 -17.63 1.94
N ILE B 198 34.24 -16.46 1.61
CA ILE B 198 34.86 -16.27 0.31
C ILE B 198 36.04 -17.22 0.02
N GLU B 199 36.89 -17.38 1.02
CA GLU B 199 37.99 -18.32 0.91
C GLU B 199 37.51 -19.75 0.72
N TYR B 200 36.42 -20.11 1.43
CA TYR B 200 35.79 -21.39 1.21
C TYR B 200 35.39 -21.60 -0.26
N LEU B 201 34.74 -20.61 -0.85
CA LEU B 201 34.35 -20.64 -2.24
C LEU B 201 35.53 -20.76 -3.16
N ARG B 202 36.56 -19.96 -2.94
CA ARG B 202 37.77 -20.12 -3.74
C ARG B 202 38.41 -21.53 -3.65
N SER B 203 38.36 -22.17 -2.47
CA SER B 203 38.88 -23.50 -2.29
C SER B 203 38.15 -24.50 -3.18
N GLN B 204 36.89 -24.19 -3.49
CA GLN B 204 36.08 -25.06 -4.36
CA GLN B 204 36.09 -25.07 -4.34
C GLN B 204 36.10 -24.61 -5.81
N ASN B 205 37.06 -23.78 -6.14
CA ASN B 205 37.20 -23.22 -7.47
C ASN B 205 35.98 -22.37 -7.91
N LEU B 206 35.40 -21.64 -6.95
CA LEU B 206 34.32 -20.71 -7.24
C LEU B 206 34.73 -19.28 -6.87
N ALA B 207 33.87 -18.32 -7.13
CA ALA B 207 34.16 -16.89 -6.80
C ALA B 207 35.47 -16.45 -7.43
N LEU B 208 35.85 -17.04 -8.56
CA LEU B 208 37.19 -16.81 -9.11
C LEU B 208 37.33 -15.43 -9.70
N GLY B 209 36.22 -14.81 -10.03
CA GLY B 209 36.24 -13.42 -10.45
C GLY B 209 36.06 -12.37 -9.40
N GLY B 210 35.84 -12.75 -8.15
CA GLY B 210 35.57 -11.81 -7.12
C GLY B 210 36.82 -11.07 -6.69
N SER B 211 36.62 -9.80 -6.33
CA SER B 211 37.72 -8.95 -5.79
C SER B 211 37.15 -7.75 -5.11
N VAL B 212 38.00 -6.94 -4.46
CA VAL B 212 37.53 -5.67 -3.94
C VAL B 212 37.03 -4.68 -5.01
N GLU B 213 37.29 -4.93 -6.29
CA GLU B 213 36.74 -4.13 -7.35
C GLU B 213 35.30 -4.47 -7.69
N ASN B 214 34.77 -5.59 -7.19
CA ASN B 214 33.34 -5.94 -7.45
C ASN B 214 32.58 -6.43 -6.29
N ALA B 215 33.14 -6.33 -5.10
CA ALA B 215 32.44 -6.83 -3.93
C ALA B 215 33.02 -6.12 -2.69
N ILE B 216 32.19 -5.96 -1.70
CA ILE B 216 32.55 -5.55 -0.38
C ILE B 216 33.02 -6.80 0.36
N VAL B 217 34.31 -6.74 0.78
CA VAL B 217 34.95 -7.85 1.51
C VAL B 217 35.06 -7.44 2.97
N VAL B 218 34.55 -8.28 3.86
CA VAL B 218 34.52 -7.97 5.28
CA VAL B 218 34.43 -8.01 5.28
C VAL B 218 35.26 -9.06 6.03
N ASP B 219 36.19 -8.64 6.89
CA ASP B 219 36.86 -9.62 7.77
C ASP B 219 36.08 -9.79 9.03
N GLU B 220 36.72 -10.24 10.11
CA GLU B 220 36.03 -10.43 11.39
C GLU B 220 35.46 -9.12 12.02
N ASN B 221 36.05 -7.99 11.71
CA ASN B 221 35.64 -6.75 12.36
C ASN B 221 35.26 -5.62 11.45
N ARG B 222 35.69 -5.61 10.17
CA ARG B 222 35.57 -4.43 9.35
CA ARG B 222 35.58 -4.43 9.35
C ARG B 222 35.59 -4.68 7.86
N VAL B 223 35.12 -3.67 7.13
CA VAL B 223 35.22 -3.64 5.69
C VAL B 223 36.66 -3.48 5.27
N LEU B 224 37.15 -4.38 4.42
CA LEU B 224 38.48 -4.26 3.96
C LEU B 224 38.66 -3.26 2.83
N ASN B 225 37.61 -3.03 2.01
CA ASN B 225 37.71 -2.12 0.86
C ASN B 225 38.18 -0.74 1.40
N GLU B 226 39.31 -0.31 0.87
CA GLU B 226 39.96 0.94 1.32
C GLU B 226 39.05 2.19 1.21
N ASP B 227 38.26 2.28 0.16
CA ASP B 227 37.38 3.42 -0.02
C ASP B 227 35.98 3.32 0.58
N GLY B 228 35.65 2.25 1.29
CA GLY B 228 34.48 2.24 2.13
C GLY B 228 33.21 1.90 1.35
N LEU B 229 32.09 2.39 1.88
CA LEU B 229 30.77 1.98 1.48
C LEU B 229 30.12 3.06 0.60
N ARG B 230 29.16 2.66 -0.23
CA ARG B 230 28.38 3.60 -1.04
C ARG B 230 27.11 4.11 -0.38
N TYR B 231 26.64 3.37 0.64
CA TYR B 231 25.50 3.72 1.43
C TYR B 231 25.82 3.20 2.83
N GLU B 232 25.40 3.91 3.85
CA GLU B 232 25.56 3.51 5.24
C GLU B 232 25.05 2.08 5.41
N ASP B 233 23.96 1.79 4.69
CA ASP B 233 23.25 0.53 4.75
C ASP B 233 23.40 -0.28 3.44
N GLU B 234 24.60 -0.28 2.88
CA GLU B 234 24.82 -0.91 1.60
C GLU B 234 24.44 -2.40 1.56
N PHE B 235 24.67 -3.10 2.65
CA PHE B 235 24.51 -4.56 2.65
C PHE B 235 23.03 -4.91 2.50
N VAL B 236 22.22 -4.30 3.35
CA VAL B 236 20.77 -4.58 3.33
C VAL B 236 20.12 -4.09 2.03
N LYS B 237 20.63 -2.96 1.53
CA LYS B 237 20.16 -2.52 0.25
C LYS B 237 20.59 -3.49 -0.88
N HIS B 238 21.75 -4.10 -0.79
CA HIS B 238 22.07 -5.12 -1.77
C HIS B 238 21.10 -6.29 -1.73
N LYS B 239 20.71 -6.71 -0.50
CA LYS B 239 19.75 -7.77 -0.33
C LYS B 239 18.41 -7.45 -0.97
N ILE B 240 18.03 -6.16 -0.95
CA ILE B 240 16.78 -5.70 -1.59
C ILE B 240 16.95 -5.76 -3.11
N LEU B 241 18.12 -5.33 -3.58
CA LEU B 241 18.47 -5.44 -4.99
C LEU B 241 18.36 -6.90 -5.46
N ASP B 242 18.89 -7.82 -4.69
CA ASP B 242 18.83 -9.25 -5.01
C ASP B 242 17.39 -9.69 -5.12
N ALA B 243 16.58 -9.31 -4.14
CA ALA B 243 15.20 -9.73 -4.07
C ALA B 243 14.41 -9.22 -5.26
N ILE B 244 14.66 -7.95 -5.62
CA ILE B 244 13.99 -7.32 -6.77
C ILE B 244 14.29 -8.13 -8.03
N GLY B 245 15.54 -8.53 -8.21
CA GLY B 245 15.88 -9.35 -9.36
C GLY B 245 15.34 -10.77 -9.35
N ASP B 246 15.49 -11.43 -8.22
CA ASP B 246 14.93 -12.79 -8.11
C ASP B 246 13.40 -12.80 -8.28
N LEU B 247 12.74 -11.77 -7.79
CA LEU B 247 11.26 -11.71 -7.89
C LEU B 247 10.82 -11.47 -9.33
N TYR B 248 11.67 -10.88 -10.16
CA TYR B 248 11.33 -10.63 -11.55
C TYR B 248 11.24 -11.90 -12.35
N LEU B 249 11.72 -13.01 -11.81
CA LEU B 249 11.56 -14.32 -12.44
C LEU B 249 10.05 -14.72 -12.47
N LEU B 250 9.23 -13.94 -11.78
CA LEU B 250 7.79 -14.11 -11.93
C LEU B 250 7.34 -13.85 -13.38
N GLY B 251 8.04 -12.95 -14.07
CA GLY B 251 7.78 -12.71 -15.51
C GLY B 251 6.85 -11.53 -15.70
N ASN B 252 6.35 -10.95 -14.60
CA ASN B 252 5.56 -9.69 -14.60
C ASN B 252 5.91 -8.86 -13.37
N SER B 253 5.80 -7.55 -13.46
CA SER B 253 5.94 -6.67 -12.29
C SER B 253 4.87 -6.95 -11.22
N LEU B 254 5.27 -6.78 -9.96
CA LEU B 254 4.41 -6.97 -8.82
C LEU B 254 3.73 -5.71 -8.34
N ILE B 255 2.47 -5.90 -7.92
CA ILE B 255 1.78 -4.90 -7.09
C ILE B 255 1.59 -5.57 -5.72
N GLY B 256 2.40 -5.15 -4.76
CA GLY B 256 2.46 -5.80 -3.45
C GLY B 256 3.71 -5.40 -2.71
N GLU B 257 3.87 -5.98 -1.54
CA GLU B 257 5.05 -5.76 -0.66
C GLU B 257 5.77 -7.09 -0.37
N PHE B 258 7.11 -7.12 -0.55
CA PHE B 258 7.92 -8.25 -0.22
C PHE B 258 8.57 -7.91 1.12
N ARG B 259 8.57 -8.85 2.07
CA ARG B 259 9.30 -8.68 3.33
C ARG B 259 10.24 -9.83 3.43
N GLY B 260 11.54 -9.52 3.53
CA GLY B 260 12.55 -10.57 3.72
C GLY B 260 13.13 -10.52 5.12
N PHE B 261 13.36 -11.69 5.69
CA PHE B 261 14.05 -11.82 7.01
C PHE B 261 15.12 -12.90 6.90
N LYS B 262 16.38 -12.46 6.72
CA LYS B 262 17.52 -13.38 6.61
C LYS B 262 17.39 -14.32 5.40
N SER B 263 16.63 -13.90 4.41
CA SER B 263 16.30 -14.73 3.26
CA SER B 263 16.33 -14.76 3.26
C SER B 263 17.31 -14.47 2.13
N GLY B 264 17.36 -15.36 1.14
CA GLY B 264 18.24 -15.24 0.01
C GLY B 264 17.62 -15.84 -1.22
N HIS B 265 18.46 -16.21 -2.19
CA HIS B 265 17.97 -16.68 -3.47
C HIS B 265 17.05 -17.93 -3.33
N ALA B 266 17.42 -18.87 -2.43
CA ALA B 266 16.67 -20.10 -2.35
C ALA B 266 15.19 -19.82 -1.88
N LEU B 267 15.01 -19.08 -0.77
CA LEU B 267 13.63 -18.73 -0.37
C LEU B 267 12.93 -17.79 -1.31
N ASN B 268 13.67 -16.94 -2.00
CA ASN B 268 13.06 -16.04 -3.00
C ASN B 268 12.40 -16.89 -4.08
N ASN B 269 13.11 -17.89 -4.54
CA ASN B 269 12.53 -18.75 -5.56
C ASN B 269 11.36 -19.61 -5.01
N GLN B 270 11.52 -20.13 -3.81
CA GLN B 270 10.43 -20.96 -3.25
C GLN B 270 9.22 -20.11 -3.10
N LEU B 271 9.41 -18.85 -2.75
CA LEU B 271 8.28 -17.94 -2.59
C LEU B 271 7.54 -17.75 -3.89
N LEU B 272 8.28 -17.51 -4.96
CA LEU B 272 7.65 -17.47 -6.24
C LEU B 272 6.91 -18.72 -6.63
N ARG B 273 7.47 -19.88 -6.32
CA ARG B 273 6.81 -21.15 -6.71
C ARG B 273 5.51 -21.38 -5.87
N THR B 274 5.54 -21.02 -4.59
CA THR B 274 4.36 -21.18 -3.77
CA THR B 274 4.38 -21.14 -3.76
C THR B 274 3.32 -20.14 -4.20
N LEU B 275 3.76 -18.90 -4.52
CA LEU B 275 2.81 -17.91 -5.06
C LEU B 275 2.13 -18.46 -6.31
N ILE B 276 2.91 -18.85 -7.30
CA ILE B 276 2.36 -19.31 -8.58
C ILE B 276 1.36 -20.47 -8.35
N ALA B 277 1.66 -21.37 -7.44
CA ALA B 277 0.75 -22.46 -7.10
C ALA B 277 -0.55 -21.97 -6.41
N ASP B 278 -0.48 -20.88 -5.65
CA ASP B 278 -1.53 -20.39 -4.76
C ASP B 278 -2.35 -19.37 -5.54
N LYS B 279 -3.10 -19.86 -6.50
CA LYS B 279 -3.59 -18.97 -7.53
C LYS B 279 -4.65 -18.05 -7.03
N ASP B 280 -5.34 -18.42 -5.95
CA ASP B 280 -6.26 -17.42 -5.34
C ASP B 280 -5.60 -16.27 -4.61
N ALA B 281 -4.29 -16.33 -4.36
CA ALA B 281 -3.60 -15.24 -3.72
C ALA B 281 -3.22 -14.09 -4.62
N TRP B 282 -3.37 -14.26 -5.92
CA TRP B 282 -2.98 -13.23 -6.88
C TRP B 282 -3.92 -13.11 -8.10
N GLU B 283 -3.79 -12.00 -8.81
CA GLU B 283 -4.53 -11.80 -10.05
C GLU B 283 -3.68 -11.01 -11.03
N VAL B 284 -3.94 -11.20 -12.33
CA VAL B 284 -3.27 -10.41 -13.37
C VAL B 284 -4.06 -9.11 -13.55
N VAL B 285 -3.41 -7.97 -13.52
CA VAL B 285 -4.13 -6.72 -13.75
C VAL B 285 -3.40 -5.83 -14.79
N THR B 286 -4.18 -5.04 -15.51
CA THR B 286 -3.66 -4.02 -16.39
C THR B 286 -4.23 -2.67 -16.01
N PHE B 287 -3.58 -1.63 -16.50
CA PHE B 287 -4.05 -0.26 -16.30
C PHE B 287 -4.28 0.43 -17.64
N GLU B 288 -5.56 0.57 -18.01
CA GLU B 288 -5.97 1.11 -19.30
C GLU B 288 -5.78 2.62 -19.27
N ASP B 289 -5.70 3.17 -18.05
CA ASP B 289 -5.36 4.57 -17.88
C ASP B 289 -4.17 4.76 -16.97
N ALA B 290 -3.03 5.18 -17.52
CA ALA B 290 -1.84 5.39 -16.69
C ALA B 290 -2.03 6.37 -15.52
N ARG B 291 -2.98 7.27 -15.62
CA ARG B 291 -3.21 8.20 -14.52
C ARG B 291 -3.76 7.51 -13.27
N THR B 292 -4.38 6.34 -13.41
CA THR B 292 -4.98 5.62 -12.28
C THR B 292 -4.08 4.52 -11.72
N ALA B 293 -2.90 4.30 -12.29
CA ALA B 293 -2.07 3.21 -11.83
C ALA B 293 -1.34 3.58 -10.51
N PRO B 294 -1.06 2.60 -9.64
CA PRO B 294 -0.32 2.84 -8.39
C PRO B 294 1.23 2.80 -8.56
N ILE B 295 1.69 2.51 -9.77
CA ILE B 295 3.11 2.41 -10.12
C ILE B 295 3.28 3.20 -11.42
N SER B 296 4.21 4.13 -11.44
CA SER B 296 4.57 4.79 -12.70
C SER B 296 6.08 4.53 -12.92
N TYR B 297 6.45 4.72 -14.16
CA TYR B 297 7.76 4.45 -14.67
C TYR B 297 8.30 5.69 -15.37
N MET B 298 9.62 5.73 -15.51
CA MET B 298 10.33 6.88 -16.11
C MET B 298 9.92 7.07 -17.57
N ARG B 299 10.00 8.28 -18.09
CA ARG B 299 9.81 8.50 -19.53
C ARG B 299 10.68 7.50 -20.32
N PRO B 300 10.12 6.89 -21.40
CA PRO B 300 10.85 6.03 -22.32
C PRO B 300 11.69 6.82 -23.34
ZN ZN C . -22.22 12.57 5.04
ZN ZN D . -37.20 25.30 0.58
C1 8Q8 E . -25.33 12.20 1.38
C8 8Q8 E . -28.84 16.58 4.55
C7 8Q8 E . -29.29 15.52 5.50
C6 8Q8 E . -28.43 14.35 5.08
C5 8Q8 E . -27.19 14.82 4.30
C4 8Q8 E . -26.34 12.54 3.66
C3 8Q8 E . -25.86 10.19 2.84
C2 8Q8 E . -26.27 11.61 2.43
N1 8Q8 E . -27.63 11.42 1.91
C9 8Q8 E . -27.62 16.16 3.87
C10 8Q8 E . -27.06 17.02 2.96
C14 8Q8 E . -29.29 19.88 3.09
N2 8Q8 E . -26.85 13.86 3.28
C13 8Q8 E . -29.43 17.81 4.33
C12 8Q8 E . -28.83 18.67 3.39
C11 8Q8 E . -27.66 18.26 2.73
O2 8Q8 E . -23.94 13.02 4.07
C27 8Q8 E . -25.01 12.57 4.47
N5 8Q8 E . -25.04 12.08 5.70
O3 8Q8 E . -23.82 12.07 6.38
C15 8Q8 E . -29.70 20.97 2.78
C16 8Q8 E . -30.16 22.17 2.43
C26 8Q8 E . -29.56 22.83 1.37
C25 8Q8 E . -30.02 24.04 0.88
C19 8Q8 E . -31.14 24.62 1.44
C18 8Q8 E . -31.78 23.98 2.51
C17 8Q8 E . -31.28 22.73 2.97
C20 8Q8 E . -31.63 25.95 0.84
N3 8Q8 E . -33.11 26.02 0.94
C23 8Q8 E . -34.13 25.45 0.26
C24 8Q8 E . -34.13 24.52 -0.86
O1 8Q8 E . -33.48 25.18 -1.89
N4 8Q8 E . -35.26 25.84 0.76
C22 8Q8 E . -35.01 26.66 1.80
C21 8Q8 E . -33.66 26.77 1.92
CL CL F . -29.01 2.14 3.88
ZN ZN G . 23.62 -10.03 -5.19
ZN ZN H . 42.51 -16.17 -0.25
C1 8Q8 I . 23.38 -12.97 -1.33
C8 8Q8 I . 29.98 -14.39 -3.94
C7 8Q8 I . 29.04 -15.50 -4.25
C6 8Q8 I . 27.62 -14.97 -3.91
C5 8Q8 I . 27.71 -13.44 -3.77
C4 8Q8 I . 25.51 -13.02 -2.68
C3 8Q8 I . 25.28 -11.31 -0.80
C2 8Q8 I . 24.94 -12.71 -1.33
N1 8Q8 I . 25.53 -13.68 -0.41
C9 8Q8 I . 29.21 -13.19 -3.66
C10 8Q8 I . 29.89 -11.97 -3.39
C14 8Q8 I . 33.43 -13.00 -3.66
N2 8Q8 I . 26.96 -12.94 -2.65
C13 8Q8 I . 31.40 -14.38 -3.99
C12 8Q8 I . 32.10 -13.17 -3.70
C11 8Q8 I . 31.33 -12.00 -3.36
O2 8Q8 I . 25.04 -10.93 -4.02
C27 8Q8 I . 24.90 -12.18 -3.83
N5 8Q8 I . 24.13 -12.85 -4.67
O3 8Q8 I . 23.48 -12.14 -5.71
C15 8Q8 I . 34.60 -12.81 -3.62
C16 8Q8 I . 35.93 -12.61 -3.53
C26 8Q8 I . 36.87 -13.60 -3.76
C25 8Q8 I . 38.27 -13.39 -3.59
C19 8Q8 I . 38.73 -12.19 -3.03
C18 8Q8 I . 37.81 -11.19 -2.78
C17 8Q8 I . 36.43 -11.42 -3.03
C20 8Q8 I . 40.23 -12.01 -2.80
N3 8Q8 I . 40.61 -12.86 -1.67
C23 8Q8 I . 41.41 -13.88 -1.67
C24 8Q8 I . 42.23 -14.48 -2.76
O1 8Q8 I . 43.14 -15.31 -2.03
N4 8Q8 I . 41.49 -14.37 -0.44
C22 8Q8 I . 40.73 -13.68 0.40
C21 8Q8 I . 40.17 -12.71 -0.39
CL CL J . 17.36 -18.44 1.51
#